data_4B0N
#
_entry.id   4B0N
#
_cell.length_a   61.320
_cell.length_b   83.395
_cell.length_c   152.729
_cell.angle_alpha   90.00
_cell.angle_beta   90.00
_cell.angle_gamma   90.00
#
_symmetry.space_group_name_H-M   'P 21 21 21'
#
loop_
_entity.id
_entity.type
_entity.pdbx_description
1 polymer 'POLYKETIDE SYNTHASE III'
2 non-polymer 'MALONIC ACID'
3 non-polymer 'ARACHIDONIC ACID'
4 water water
#
_entity_poly.entity_id   1
_entity_poly.type   'polypeptide(L)'
_entity_poly.pdbx_seq_one_letter_code
;MSSAAVAMLADPTVQIALACLVVSLFVVLQSVKKSKDEQTVYPVIAGMAIGNPQYRCTQNEALAVASKCPGLESIKPVLE
RIYGNSRIGSRYFAVPDFTPGRAAKGDPLFYPADGSYQVPVDVRLDKFKEKAVPLVSDVARRAIKEAGLNVEDISKLVVV
SSTGFLGPGLDCELIKNLGLTRSVDRTLIGFMGCAAAMNGFRNANDYVTANPGKYALMICVELSSVHTTFDDNINDAILH
AIFADGCAAAVLKGARKSECPKGTLAIVDNHAWLMEGTEDGITLAIKPNGITCTLSKFLPQYIAKNIAFFADGFLKKHKL
GRDDVDFWCVHPGGRRIIEEAQNGLGLSEEQTADSWAVLGEYGNMLSPSVMFVLSRVFKRHNAALAQGKPGYQTGMAFSF
SPGVGAEGILLRQI
;
_entity_poly.pdbx_strand_id   A,B
#
# COMPACT_ATOMS: atom_id res chain seq x y z
N LYS A 36 16.90 21.03 28.77
CA LYS A 36 16.06 20.03 28.05
C LYS A 36 16.79 19.52 26.81
N ASP A 37 16.43 18.31 26.37
CA ASP A 37 17.05 17.67 25.21
C ASP A 37 16.64 18.34 23.88
N GLU A 38 17.43 19.33 23.46
CA GLU A 38 17.18 20.05 22.21
C GLU A 38 17.92 19.41 21.02
N GLN A 39 17.55 18.17 20.74
CA GLN A 39 17.96 17.46 19.53
C GLN A 39 16.73 16.81 18.90
N THR A 40 15.58 17.42 19.15
CA THR A 40 14.30 16.96 18.61
C THR A 40 14.22 17.24 17.12
N VAL A 41 13.86 16.22 16.34
CA VAL A 41 13.73 16.34 14.90
C VAL A 41 12.28 16.25 14.44
N TYR A 42 11.77 17.34 13.87
CA TYR A 42 10.39 17.44 13.42
C TYR A 42 10.26 17.28 11.91
N PRO A 43 9.19 16.60 11.45
CA PRO A 43 8.92 16.54 10.01
C PRO A 43 8.28 17.82 9.50
N VAL A 44 8.82 18.34 8.40
CA VAL A 44 8.31 19.57 7.78
C VAL A 44 8.08 19.36 6.29
N ILE A 45 6.97 19.89 5.78
CA ILE A 45 6.72 19.94 4.35
C ILE A 45 7.59 21.03 3.73
N ALA A 46 8.62 20.60 2.99
CA ALA A 46 9.58 21.52 2.37
C ALA A 46 9.11 22.04 1.01
N GLY A 47 8.33 21.24 0.30
CA GLY A 47 7.76 21.63 -0.98
C GLY A 47 6.44 20.94 -1.22
N MET A 48 5.51 21.65 -1.85
CA MET A 48 4.19 21.11 -2.16
C MET A 48 3.73 21.57 -3.53
N ALA A 49 3.11 20.67 -4.28
CA ALA A 49 2.53 21.01 -5.58
C ALA A 49 1.19 20.31 -5.78
N ILE A 50 0.24 21.05 -6.33
CA ILE A 50 -1.04 20.47 -6.74
C ILE A 50 -1.08 20.30 -8.27
N GLY A 51 -1.94 19.40 -8.73
CA GLY A 51 -2.04 19.10 -10.16
C GLY A 51 -3.38 18.51 -10.53
N ASN A 52 -3.75 18.68 -11.79
CA ASN A 52 -5.02 18.19 -12.31
C ASN A 52 -4.91 17.63 -13.72
N PRO A 53 -5.80 16.69 -14.07
CA PRO A 53 -5.86 16.21 -15.46
C PRO A 53 -6.35 17.29 -16.43
N GLN A 54 -6.40 16.93 -17.70
CA GLN A 54 -6.59 17.88 -18.80
C GLN A 54 -7.95 18.60 -18.81
N TYR A 55 -9.02 17.85 -18.57
CA TYR A 55 -10.38 18.33 -18.86
C TYR A 55 -11.12 18.88 -17.65
N ARG A 56 -11.34 20.19 -17.64
CA ARG A 56 -12.16 20.85 -16.63
C ARG A 56 -13.63 20.80 -17.08
N CYS A 57 -14.44 20.00 -16.39
CA CYS A 57 -15.84 19.81 -16.73
C CYS A 57 -16.76 20.44 -15.69
N THR A 58 -17.58 21.38 -16.12
CA THR A 58 -18.57 22.04 -15.25
C THR A 58 -19.69 21.07 -14.87
N GLN A 59 -20.44 21.42 -13.83
CA GLN A 59 -21.49 20.54 -13.32
C GLN A 59 -22.75 20.52 -14.18
N ASN A 60 -22.99 21.61 -14.90
CA ASN A 60 -24.06 21.64 -15.89
C ASN A 60 -23.76 20.73 -17.08
N GLU A 61 -22.48 20.70 -17.48
CA GLU A 61 -21.99 19.79 -18.51
C GLU A 61 -22.12 18.33 -18.09
N ALA A 62 -21.63 18.03 -16.89
CA ALA A 62 -21.68 16.68 -16.33
C ALA A 62 -23.11 16.14 -16.20
N LEU A 63 -24.03 17.01 -15.79
CA LEU A 63 -25.45 16.66 -15.66
C LEU A 63 -26.07 16.29 -17.00
N ALA A 64 -25.65 16.98 -18.06
CA ALA A 64 -26.16 16.74 -19.40
C ALA A 64 -25.71 15.38 -19.94
N VAL A 65 -24.47 15.00 -19.61
CA VAL A 65 -23.91 13.70 -20.02
C VAL A 65 -24.55 12.57 -19.23
N ALA A 66 -24.93 12.86 -17.98
CA ALA A 66 -25.57 11.88 -17.11
C ALA A 66 -27.01 11.58 -17.52
N SER A 67 -27.73 12.63 -17.90
CA SER A 67 -29.16 12.52 -18.25
C SER A 67 -29.41 11.92 -19.63
N LYS A 68 -28.43 12.00 -20.53
CA LYS A 68 -28.56 11.45 -21.88
C LYS A 68 -28.39 9.94 -21.91
N CYS A 69 -27.62 9.41 -20.95
CA CYS A 69 -27.36 7.97 -20.80
C CYS A 69 -28.65 7.13 -20.77
N PRO A 70 -28.70 6.05 -21.57
CA PRO A 70 -29.90 5.22 -21.71
C PRO A 70 -30.30 4.47 -20.44
N GLY A 71 -29.40 3.64 -19.92
CA GLY A 71 -29.72 2.73 -18.82
C GLY A 71 -29.71 3.33 -17.42
N LEU A 72 -30.31 4.51 -17.29
CA LEU A 72 -30.46 5.16 -15.98
C LEU A 72 -31.91 5.57 -15.72
N GLU A 73 -32.84 4.96 -16.47
CA GLU A 73 -34.24 5.38 -16.45
C GLU A 73 -35.04 4.75 -15.29
N SER A 74 -34.60 5.07 -14.08
CA SER A 74 -35.29 4.73 -12.84
C SER A 74 -34.90 5.77 -11.78
N ILE A 75 -33.83 6.49 -12.07
CA ILE A 75 -33.28 7.54 -11.21
C ILE A 75 -33.10 8.86 -11.98
N LYS A 76 -33.67 8.92 -13.18
CA LYS A 76 -33.56 10.08 -14.07
C LYS A 76 -34.12 11.39 -13.48
N PRO A 77 -35.32 11.35 -12.86
CA PRO A 77 -35.89 12.59 -12.31
C PRO A 77 -35.14 13.16 -11.10
N VAL A 78 -34.27 12.33 -10.52
CA VAL A 78 -33.49 12.71 -9.33
C VAL A 78 -32.23 13.48 -9.70
N LEU A 79 -31.68 13.16 -10.88
CA LEU A 79 -30.34 13.63 -11.29
C LEU A 79 -30.10 15.14 -11.20
N GLU A 80 -31.09 15.93 -11.59
CA GLU A 80 -30.96 17.38 -11.63
C GLU A 80 -30.80 18.02 -10.25
N ARG A 81 -31.38 17.38 -9.23
CA ARG A 81 -31.23 17.84 -7.86
C ARG A 81 -29.88 17.42 -7.26
N ILE A 82 -29.42 16.22 -7.61
CA ILE A 82 -28.14 15.71 -7.10
C ILE A 82 -26.97 16.60 -7.50
N TYR A 83 -26.95 17.00 -8.78
CA TYR A 83 -25.88 17.83 -9.35
C TYR A 83 -25.96 19.29 -8.93
N GLY A 84 -27.17 19.80 -8.76
CA GLY A 84 -27.39 21.18 -8.31
C GLY A 84 -27.19 21.37 -6.81
N ASN A 85 -27.53 20.34 -6.04
CA ASN A 85 -27.38 20.36 -4.59
C ASN A 85 -26.11 19.64 -4.14
N SER A 86 -25.00 19.93 -4.84
CA SER A 86 -23.73 19.25 -4.59
C SER A 86 -22.64 20.18 -4.10
N ARG A 87 -22.84 21.49 -4.28
CA ARG A 87 -21.85 22.53 -3.96
C ARG A 87 -20.60 22.42 -4.84
N ILE A 88 -20.71 21.63 -5.91
CA ILE A 88 -19.62 21.46 -6.88
C ILE A 88 -19.97 22.22 -8.15
N GLY A 89 -19.08 23.13 -8.55
CA GLY A 89 -19.28 23.92 -9.75
C GLY A 89 -18.59 23.30 -10.95
N SER A 90 -17.49 22.61 -10.69
CA SER A 90 -16.67 22.01 -11.72
C SER A 90 -15.76 20.92 -11.13
N ARG A 91 -15.23 20.07 -12.00
CA ARG A 91 -14.22 19.07 -11.61
C ARG A 91 -13.43 18.59 -12.83
N TYR A 92 -12.25 18.03 -12.58
CA TYR A 92 -11.30 17.68 -13.64
C TYR A 92 -11.28 16.19 -13.95
N PHE A 93 -11.21 15.86 -15.24
CA PHE A 93 -11.16 14.47 -15.69
C PHE A 93 -10.02 14.22 -16.69
N ALA A 94 -9.47 13.02 -16.65
CA ALA A 94 -8.38 12.61 -17.55
C ALA A 94 -8.90 12.13 -18.90
N VAL A 95 -10.19 11.82 -18.97
CA VAL A 95 -10.80 11.28 -20.18
C VAL A 95 -11.73 12.33 -20.81
N PRO A 96 -11.72 12.45 -22.15
CA PRO A 96 -12.58 13.43 -22.83
C PRO A 96 -14.07 13.06 -22.89
N ASP A 97 -14.41 11.85 -22.46
CA ASP A 97 -15.79 11.34 -22.56
C ASP A 97 -16.87 12.23 -21.92
N PHE A 98 -16.46 13.22 -21.13
CA PHE A 98 -17.40 14.12 -20.47
C PHE A 98 -17.38 15.53 -21.06
N THR A 99 -16.37 15.79 -21.89
CA THR A 99 -16.28 17.03 -22.65
C THR A 99 -15.84 16.70 -24.08
N PRO A 100 -16.76 16.11 -24.88
CA PRO A 100 -16.41 15.58 -26.21
C PRO A 100 -15.82 16.61 -27.16
N GLY A 101 -16.39 17.81 -27.18
CA GLY A 101 -15.94 18.88 -28.07
C GLY A 101 -14.51 19.32 -27.84
N ARG A 102 -14.12 19.41 -26.57
CA ARG A 102 -12.80 19.91 -26.19
C ARG A 102 -11.70 18.85 -26.16
N ALA A 103 -12.00 17.67 -26.71
CA ALA A 103 -11.03 16.57 -26.76
C ALA A 103 -9.71 17.01 -27.37
N ALA A 104 -8.61 16.55 -26.77
CA ALA A 104 -7.27 16.85 -27.26
C ALA A 104 -7.05 16.23 -28.63
N LYS A 105 -6.20 16.88 -29.43
CA LYS A 105 -5.93 16.47 -30.81
C LYS A 105 -5.19 15.12 -30.83
N GLY A 106 -5.96 14.03 -30.81
CA GLY A 106 -5.38 12.68 -30.80
C GLY A 106 -5.59 11.94 -29.50
N ASP A 107 -6.68 12.25 -28.80
CA ASP A 107 -7.05 11.57 -27.55
C ASP A 107 -8.45 11.00 -27.68
N PRO A 108 -8.57 9.67 -27.72
CA PRO A 108 -9.84 9.01 -28.01
C PRO A 108 -10.84 8.99 -26.86
N LEU A 109 -12.10 8.71 -27.19
CA LEU A 109 -13.14 8.50 -26.19
C LEU A 109 -12.98 7.09 -25.62
N PHE A 110 -12.80 7.01 -24.31
CA PHE A 110 -12.51 5.75 -23.63
C PHE A 110 -13.70 4.79 -23.57
N TYR A 111 -14.85 5.29 -23.12
CA TYR A 111 -16.03 4.47 -22.92
C TYR A 111 -16.73 4.14 -24.24
N PRO A 112 -17.34 2.94 -24.33
CA PRO A 112 -17.95 2.47 -25.59
C PRO A 112 -19.07 3.39 -26.08
N ALA A 113 -19.16 3.53 -27.41
CA ALA A 113 -20.20 4.33 -28.05
C ALA A 113 -21.59 3.79 -27.74
N ASP A 114 -21.62 2.59 -27.17
CA ASP A 114 -22.83 1.95 -26.66
C ASP A 114 -23.60 2.84 -25.68
N GLY A 115 -22.87 3.59 -24.86
CA GLY A 115 -23.45 4.40 -23.79
C GLY A 115 -23.79 3.51 -22.61
N SER A 116 -23.09 2.39 -22.52
CA SER A 116 -23.35 1.36 -21.52
C SER A 116 -22.34 1.39 -20.38
N TYR A 117 -21.18 2.00 -20.65
CA TYR A 117 -20.08 2.10 -19.69
C TYR A 117 -19.61 0.73 -19.19
N GLN A 118 -19.33 -0.16 -20.14
CA GLN A 118 -18.86 -1.51 -19.86
C GLN A 118 -17.40 -1.63 -20.30
N VAL A 119 -16.50 -1.49 -19.34
CA VAL A 119 -15.06 -1.62 -19.59
C VAL A 119 -14.46 -2.55 -18.53
N PRO A 120 -13.71 -3.57 -18.96
CA PRO A 120 -13.02 -4.48 -18.03
C PRO A 120 -12.01 -3.75 -17.15
N VAL A 121 -11.84 -4.21 -15.91
CA VAL A 121 -10.93 -3.59 -14.95
C VAL A 121 -9.51 -3.39 -15.47
N ASP A 122 -8.98 -4.39 -16.17
CA ASP A 122 -7.61 -4.31 -16.67
C ASP A 122 -7.43 -3.18 -17.68
N VAL A 123 -8.42 -3.00 -18.55
CA VAL A 123 -8.41 -1.90 -19.53
C VAL A 123 -8.55 -0.54 -18.82
N ARG A 124 -9.41 -0.50 -17.79
CA ARG A 124 -9.57 0.69 -16.96
C ARG A 124 -8.28 1.06 -16.24
N LEU A 125 -7.56 0.05 -15.72
CA LEU A 125 -6.29 0.28 -15.03
C LEU A 125 -5.15 0.62 -16.00
N ASP A 126 -5.22 0.08 -17.22
CA ASP A 126 -4.28 0.44 -18.28
C ASP A 126 -4.39 1.93 -18.63
N LYS A 127 -5.62 2.45 -18.59
CA LYS A 127 -5.88 3.88 -18.79
C LYS A 127 -5.40 4.73 -17.63
N PHE A 128 -5.49 4.20 -16.41
CA PHE A 128 -4.97 4.88 -15.23
C PHE A 128 -3.49 5.19 -15.42
N LYS A 129 -2.72 4.17 -15.81
CA LYS A 129 -1.29 4.32 -16.07
C LYS A 129 -1.04 5.36 -17.15
N GLU A 130 -1.79 5.26 -18.25
CA GLU A 130 -1.64 6.13 -19.41
C GLU A 130 -1.75 7.62 -19.08
N LYS A 131 -2.58 7.94 -18.09
CA LYS A 131 -2.88 9.33 -17.77
C LYS A 131 -2.21 9.83 -16.48
N ALA A 132 -1.95 8.90 -15.55
CA ALA A 132 -1.32 9.26 -14.28
C ALA A 132 0.16 9.59 -14.43
N VAL A 133 0.89 8.77 -15.19
CA VAL A 133 2.34 8.94 -15.41
C VAL A 133 2.73 10.39 -15.73
N PRO A 134 2.08 11.02 -16.73
CA PRO A 134 2.40 12.43 -16.99
C PRO A 134 1.98 13.35 -15.83
N LEU A 135 0.80 13.13 -15.28
CA LEU A 135 0.27 13.94 -14.19
C LEU A 135 1.18 13.90 -12.96
N VAL A 136 1.51 12.70 -12.49
CA VAL A 136 2.38 12.52 -11.33
C VAL A 136 3.77 13.11 -11.58
N SER A 137 4.26 12.97 -12.81
CA SER A 137 5.59 13.43 -13.19
C SER A 137 5.83 14.93 -12.94
N ASP A 138 4.94 15.79 -13.45
CA ASP A 138 5.15 17.24 -13.33
C ASP A 138 4.74 17.78 -11.95
N VAL A 139 3.86 17.07 -11.27
CA VAL A 139 3.49 17.42 -9.89
C VAL A 139 4.69 17.16 -8.97
N ALA A 140 5.33 16.01 -9.16
CA ALA A 140 6.55 15.66 -8.43
C ALA A 140 7.71 16.61 -8.79
N ARG A 141 7.83 16.95 -10.07
CA ARG A 141 8.86 17.88 -10.53
C ARG A 141 8.73 19.25 -9.88
N ARG A 142 7.50 19.76 -9.83
CA ARG A 142 7.22 21.05 -9.23
C ARG A 142 7.38 21.06 -7.71
N ALA A 143 6.94 19.98 -7.05
CA ALA A 143 7.06 19.84 -5.60
C ALA A 143 8.52 19.95 -5.12
N ILE A 144 9.39 19.20 -5.78
CA ILE A 144 10.83 19.19 -5.50
C ILE A 144 11.42 20.59 -5.75
N LYS A 145 11.00 21.23 -6.84
CA LYS A 145 11.47 22.58 -7.20
C LYS A 145 11.14 23.60 -6.10
N GLU A 146 9.95 23.48 -5.51
CA GLU A 146 9.52 24.39 -4.46
C GLU A 146 10.18 24.08 -3.12
N ALA A 147 10.71 22.86 -3.00
CA ALA A 147 11.51 22.46 -1.84
C ALA A 147 12.97 22.87 -2.02
N GLY A 148 13.28 23.44 -3.18
CA GLY A 148 14.63 23.92 -3.49
C GLY A 148 15.64 22.80 -3.63
N LEU A 149 15.15 21.60 -3.93
CA LEU A 149 16.00 20.42 -4.04
C LEU A 149 16.21 19.99 -5.47
N ASN A 150 17.04 18.96 -5.64
CA ASN A 150 17.23 18.31 -6.93
C ASN A 150 16.69 16.88 -6.88
N VAL A 151 16.28 16.35 -8.03
CA VAL A 151 15.74 14.98 -8.11
C VAL A 151 16.67 13.96 -7.44
N GLU A 152 17.94 14.30 -7.32
CA GLU A 152 18.94 13.45 -6.66
C GLU A 152 18.69 13.31 -5.16
N ASP A 153 18.19 14.38 -4.55
CA ASP A 153 18.09 14.47 -3.08
C ASP A 153 16.94 13.65 -2.48
N ILE A 154 16.07 13.11 -3.33
CA ILE A 154 14.97 12.27 -2.87
C ILE A 154 15.49 10.86 -2.57
N SER A 155 15.26 10.41 -1.34
CA SER A 155 15.71 9.09 -0.88
C SER A 155 14.55 8.10 -0.77
N LYS A 156 13.36 8.63 -0.50
CA LYS A 156 12.17 7.80 -0.31
C LYS A 156 11.02 8.30 -1.18
N LEU A 157 10.33 7.35 -1.80
CA LEU A 157 9.17 7.66 -2.63
C LEU A 157 7.95 6.87 -2.17
N VAL A 158 6.87 7.59 -1.90
CA VAL A 158 5.63 6.97 -1.47
C VAL A 158 4.51 7.41 -2.41
N VAL A 159 3.92 6.44 -3.11
CA VAL A 159 2.78 6.69 -3.98
C VAL A 159 1.51 6.16 -3.30
N VAL A 160 0.44 6.96 -3.39
CA VAL A 160 -0.84 6.63 -2.76
C VAL A 160 -1.97 6.69 -3.78
N SER A 161 -2.74 5.60 -3.88
CA SER A 161 -3.91 5.55 -4.75
C SER A 161 -4.86 4.42 -4.40
N SER A 162 -6.17 4.72 -4.50
CA SER A 162 -7.22 3.71 -4.37
C SER A 162 -7.93 3.51 -5.71
N THR A 163 -7.47 4.23 -6.73
CA THR A 163 -8.07 4.16 -8.07
C THR A 163 -7.12 3.55 -9.11
N GLY A 164 -5.93 3.15 -8.67
CA GLY A 164 -4.94 2.58 -9.57
C GLY A 164 -4.05 1.53 -8.93
N PHE A 165 -3.90 0.40 -9.62
CA PHE A 165 -3.00 -0.67 -9.19
C PHE A 165 -2.31 -1.17 -10.44
N LEU A 166 -0.99 -1.07 -10.47
CA LEU A 166 -0.22 -1.29 -11.69
C LEU A 166 0.94 -2.24 -11.51
N GLY A 167 1.20 -3.06 -12.53
CA GLY A 167 2.26 -4.07 -12.55
C GLY A 167 3.57 -3.53 -12.03
N PRO A 168 4.42 -3.02 -12.92
CA PRO A 168 5.42 -2.07 -12.43
C PRO A 168 4.68 -0.76 -12.20
N GLY A 169 4.57 -0.36 -10.92
CA GLY A 169 3.74 0.78 -10.53
C GLY A 169 4.26 2.14 -10.94
N LEU A 170 3.56 3.19 -10.51
CA LEU A 170 3.93 4.57 -10.82
C LEU A 170 5.27 4.99 -10.22
N ASP A 171 5.60 4.39 -9.08
CA ASP A 171 6.91 4.57 -8.44
C ASP A 171 8.04 4.25 -9.42
N CYS A 172 7.91 3.14 -10.13
CA CYS A 172 8.89 2.73 -11.14
C CYS A 172 8.94 3.71 -12.32
N GLU A 173 7.82 4.37 -12.59
CA GLU A 173 7.73 5.33 -13.69
C GLU A 173 8.38 6.65 -13.32
N LEU A 174 8.21 7.06 -12.07
CA LEU A 174 8.80 8.30 -11.54
C LEU A 174 10.32 8.25 -11.45
N ILE A 175 10.87 7.07 -11.21
CA ILE A 175 12.33 6.89 -11.20
C ILE A 175 12.86 7.00 -12.64
N LYS A 176 12.07 6.53 -13.60
CA LYS A 176 12.41 6.67 -15.01
C LYS A 176 12.29 8.13 -15.46
N ASN A 177 11.11 8.72 -15.25
CA ASN A 177 10.80 10.07 -15.73
C ASN A 177 11.64 11.18 -15.12
N LEU A 178 11.71 11.21 -13.79
CA LEU A 178 12.44 12.26 -13.09
C LEU A 178 13.93 11.97 -13.00
N GLY A 179 14.31 10.73 -13.32
CA GLY A 179 15.70 10.29 -13.20
C GLY A 179 16.13 10.24 -11.74
N LEU A 180 15.27 9.70 -10.89
CA LEU A 180 15.55 9.56 -9.47
C LEU A 180 16.67 8.54 -9.25
N THR A 181 17.33 8.62 -8.09
CA THR A 181 18.36 7.64 -7.73
C THR A 181 17.76 6.24 -7.64
N ARG A 182 18.43 5.27 -8.24
CA ARG A 182 17.86 3.92 -8.39
C ARG A 182 17.84 3.11 -7.10
N SER A 183 18.36 3.69 -6.03
CA SER A 183 18.36 3.05 -4.72
C SER A 183 17.23 3.59 -3.83
N VAL A 184 16.29 4.31 -4.44
CA VAL A 184 15.20 4.97 -3.69
C VAL A 184 14.27 3.96 -2.98
N ASP A 185 14.00 4.25 -1.71
CA ASP A 185 13.07 3.49 -0.90
C ASP A 185 11.66 3.76 -1.39
N ARG A 186 11.03 2.76 -2.00
CA ARG A 186 9.68 2.95 -2.55
C ARG A 186 8.59 2.16 -1.82
N THR A 187 7.41 2.78 -1.71
CA THR A 187 6.26 2.16 -1.06
C THR A 187 4.96 2.55 -1.78
N LEU A 188 4.11 1.56 -2.02
CA LEU A 188 2.80 1.79 -2.63
C LEU A 188 1.67 1.54 -1.61
N ILE A 189 1.03 2.63 -1.19
CA ILE A 189 -0.12 2.56 -0.28
C ILE A 189 -1.40 2.55 -1.10
N GLY A 190 -2.09 1.40 -1.10
CA GLY A 190 -3.26 1.21 -1.93
C GLY A 190 -4.54 0.91 -1.19
N PHE A 191 -5.66 1.37 -1.77
CA PHE A 191 -7.02 1.04 -1.31
C PHE A 191 -7.30 1.44 0.14
N MET A 192 -6.71 2.56 0.57
CA MET A 192 -6.96 3.10 1.91
C MET A 192 -7.90 4.32 1.89
N GLY A 193 -8.62 4.47 0.78
CA GLY A 193 -9.70 5.44 0.66
C GLY A 193 -9.29 6.90 0.59
N CYS A 194 -10.16 7.76 1.14
CA CYS A 194 -10.04 9.22 1.03
C CYS A 194 -9.10 9.84 2.06
N ALA A 195 -8.54 9.03 2.95
CA ALA A 195 -7.70 9.51 4.04
C ALA A 195 -6.22 9.11 3.89
N ALA A 196 -5.91 8.43 2.78
CA ALA A 196 -4.57 7.84 2.58
C ALA A 196 -3.41 8.84 2.52
N ALA A 197 -3.72 10.13 2.33
CA ALA A 197 -2.72 11.19 2.43
C ALA A 197 -2.16 11.30 3.84
N MET A 198 -3.01 11.02 4.84
CA MET A 198 -2.58 11.01 6.23
C MET A 198 -1.64 9.83 6.49
N ASN A 199 -1.96 8.68 5.89
CA ASN A 199 -1.15 7.48 6.02
C ASN A 199 0.20 7.67 5.33
N GLY A 200 0.17 8.31 4.18
CA GLY A 200 1.38 8.66 3.44
C GLY A 200 2.24 9.63 4.22
N PHE A 201 1.61 10.65 4.81
CA PHE A 201 2.31 11.59 5.67
C PHE A 201 3.01 10.90 6.84
N ARG A 202 2.29 10.02 7.53
CA ARG A 202 2.84 9.26 8.65
C ARG A 202 4.07 8.47 8.24
N ASN A 203 3.94 7.74 7.14
CA ASN A 203 5.04 6.92 6.62
C ASN A 203 6.27 7.73 6.24
N ALA A 204 6.05 8.92 5.69
CA ALA A 204 7.13 9.82 5.36
C ALA A 204 7.75 10.46 6.60
N ASN A 205 6.90 10.87 7.55
CA ASN A 205 7.36 11.44 8.82
C ASN A 205 8.25 10.46 9.59
N ASP A 206 7.80 9.20 9.66
CA ASP A 206 8.53 8.13 10.33
C ASP A 206 9.95 8.00 9.77
N TYR A 207 10.07 7.98 8.46
CA TYR A 207 11.35 7.82 7.78
C TYR A 207 12.26 9.02 7.99
N VAL A 208 11.66 10.20 7.96
CA VAL A 208 12.41 11.44 7.89
C VAL A 208 12.93 11.90 9.27
N THR A 209 12.25 11.50 10.34
CA THR A 209 12.73 11.79 11.69
C THR A 209 13.77 10.77 12.14
N ALA A 210 13.69 9.57 11.56
CA ALA A 210 14.72 8.54 11.76
C ALA A 210 16.01 8.93 11.05
N ASN A 211 15.89 9.48 9.85
CA ASN A 211 17.03 9.95 9.07
C ASN A 211 16.91 11.44 8.78
N PRO A 212 17.35 12.30 9.73
CA PRO A 212 17.18 13.76 9.64
C PRO A 212 17.62 14.40 8.31
N GLY A 213 18.86 14.16 7.90
CA GLY A 213 19.40 14.81 6.70
C GLY A 213 18.74 14.44 5.39
N LYS A 214 17.94 13.37 5.40
CA LYS A 214 17.37 12.79 4.19
C LYS A 214 16.00 13.38 3.81
N TYR A 215 15.56 13.08 2.59
CA TYR A 215 14.34 13.68 2.03
C TYR A 215 13.39 12.63 1.43
N ALA A 216 12.10 12.78 1.72
CA ALA A 216 11.09 11.85 1.25
C ALA A 216 9.99 12.57 0.46
N LEU A 217 9.50 11.91 -0.59
CA LEU A 217 8.47 12.47 -1.46
C LEU A 217 7.19 11.64 -1.40
N MET A 218 6.11 12.27 -0.93
CA MET A 218 4.81 11.61 -0.82
C MET A 218 3.87 12.16 -1.87
N ILE A 219 3.32 11.27 -2.70
CA ILE A 219 2.46 11.68 -3.81
C ILE A 219 1.12 10.96 -3.77
N CYS A 220 0.05 11.74 -3.72
CA CYS A 220 -1.31 11.21 -3.87
C CYS A 220 -1.81 11.45 -5.27
N VAL A 221 -2.22 10.37 -5.92
CA VAL A 221 -2.76 10.44 -7.26
C VAL A 221 -4.07 9.68 -7.29
N GLU A 222 -5.04 10.24 -8.00
CA GLU A 222 -6.36 9.63 -8.08
C GLU A 222 -7.05 9.95 -9.38
N LEU A 223 -7.62 8.92 -10.00
CA LEU A 223 -8.37 9.07 -11.25
C LEU A 223 -9.66 8.25 -11.16
N SER A 224 -10.69 8.83 -10.56
CA SER A 224 -12.00 8.18 -10.49
C SER A 224 -12.80 8.27 -11.80
N SER A 225 -12.26 9.02 -12.79
CA SER A 225 -12.91 9.15 -14.09
C SER A 225 -12.67 7.96 -15.01
N VAL A 226 -11.94 6.97 -14.52
CA VAL A 226 -11.67 5.77 -15.29
C VAL A 226 -12.52 4.61 -14.78
N HIS A 227 -13.25 4.85 -13.70
CA HIS A 227 -14.08 3.82 -13.05
C HIS A 227 -15.56 4.07 -13.14
N THR A 228 -15.96 4.96 -14.05
CA THR A 228 -17.37 5.33 -14.18
C THR A 228 -18.18 4.19 -14.82
N THR A 229 -19.37 3.94 -14.27
CA THR A 229 -20.21 2.83 -14.71
C THR A 229 -21.64 3.28 -15.03
N PHE A 230 -22.05 4.39 -14.42
CA PHE A 230 -23.43 4.90 -14.52
C PHE A 230 -24.47 3.80 -14.35
N ASP A 231 -24.46 3.19 -13.16
CA ASP A 231 -25.42 2.14 -12.83
C ASP A 231 -26.74 2.70 -12.33
N ASP A 232 -27.82 1.99 -12.64
CA ASP A 232 -29.18 2.40 -12.28
C ASP A 232 -29.39 2.31 -10.77
N ASN A 233 -28.61 3.13 -10.06
CA ASN A 233 -28.52 3.08 -8.61
C ASN A 233 -28.43 4.50 -8.05
N ILE A 234 -29.17 4.76 -6.98
CA ILE A 234 -29.18 6.09 -6.35
C ILE A 234 -27.82 6.41 -5.76
N ASN A 235 -27.20 5.42 -5.11
CA ASN A 235 -25.87 5.58 -4.51
C ASN A 235 -24.81 5.95 -5.54
N ASP A 236 -24.74 5.17 -6.63
CA ASP A 236 -23.76 5.41 -7.69
C ASP A 236 -23.95 6.76 -8.39
N ALA A 237 -25.21 7.14 -8.61
CA ALA A 237 -25.53 8.45 -9.18
C ALA A 237 -24.95 9.60 -8.35
N ILE A 238 -25.11 9.50 -7.03
CA ILE A 238 -24.56 10.48 -6.10
C ILE A 238 -23.02 10.53 -6.21
N LEU A 239 -22.39 9.36 -6.20
CA LEU A 239 -20.93 9.27 -6.31
C LEU A 239 -20.41 9.87 -7.61
N HIS A 240 -21.08 9.54 -8.71
CA HIS A 240 -20.71 10.04 -10.04
C HIS A 240 -20.77 11.54 -10.14
N ALA A 241 -21.67 12.14 -9.35
CA ALA A 241 -21.81 13.59 -9.30
C ALA A 241 -20.67 14.24 -8.52
N ILE A 242 -20.05 13.47 -7.63
CA ILE A 242 -19.11 14.01 -6.64
C ILE A 242 -17.63 13.71 -6.95
N PHE A 243 -17.30 12.44 -7.17
CA PHE A 243 -15.91 12.02 -7.36
C PHE A 243 -15.26 12.60 -8.62
N ALA A 244 -13.97 12.91 -8.52
CA ALA A 244 -13.21 13.55 -9.59
C ALA A 244 -11.74 13.11 -9.63
N ASP A 245 -10.97 13.70 -10.55
CA ASP A 245 -9.56 13.36 -10.72
C ASP A 245 -8.64 14.47 -10.21
N GLY A 246 -7.54 14.08 -9.58
CA GLY A 246 -6.56 15.03 -9.04
C GLY A 246 -5.26 14.42 -8.53
N CYS A 247 -4.25 15.27 -8.36
CA CYS A 247 -2.95 14.85 -7.84
C CYS A 247 -2.28 15.93 -7.02
N ALA A 248 -1.64 15.51 -5.92
CA ALA A 248 -0.90 16.41 -5.05
C ALA A 248 0.31 15.70 -4.47
N ALA A 249 1.41 16.43 -4.35
CA ALA A 249 2.66 15.88 -3.84
C ALA A 249 3.25 16.74 -2.73
N ALA A 250 4.06 16.11 -1.88
CA ALA A 250 4.71 16.81 -0.77
C ALA A 250 6.09 16.23 -0.52
N VAL A 251 7.07 17.12 -0.39
CA VAL A 251 8.42 16.72 -0.02
C VAL A 251 8.57 16.96 1.47
N LEU A 252 9.20 16.02 2.17
CA LEU A 252 9.31 16.08 3.61
C LEU A 252 10.74 16.02 4.09
N LYS A 253 11.09 16.96 4.97
CA LYS A 253 12.40 17.03 5.61
C LYS A 253 12.27 16.85 7.12
N GLY A 254 13.37 16.45 7.76
CA GLY A 254 13.47 16.36 9.21
C GLY A 254 14.40 17.42 9.75
N ALA A 255 13.83 18.44 10.38
CA ALA A 255 14.59 19.61 10.82
C ALA A 255 14.59 19.79 12.34
N ARG A 256 15.68 20.39 12.84
CA ARG A 256 15.84 20.65 14.27
C ARG A 256 15.15 21.98 14.66
N LYS A 257 15.46 22.49 15.85
CA LYS A 257 14.80 23.69 16.39
C LYS A 257 14.90 24.90 15.46
N SER A 258 16.11 25.32 15.12
CA SER A 258 16.33 26.54 14.34
C SER A 258 16.95 26.30 12.95
N GLU A 259 16.74 25.11 12.41
CA GLU A 259 17.22 24.77 11.07
C GLU A 259 16.25 25.26 9.99
N CYS A 260 15.25 26.05 10.39
CA CYS A 260 14.21 26.51 9.46
C CYS A 260 13.83 27.97 9.68
N PRO A 261 13.41 28.66 8.58
CA PRO A 261 13.02 30.07 8.64
C PRO A 261 11.93 30.34 9.66
N LYS A 262 12.01 31.49 10.33
CA LYS A 262 11.06 31.83 11.39
C LYS A 262 9.63 31.91 10.88
N GLY A 263 8.76 31.11 11.50
CA GLY A 263 7.36 31.00 11.07
C GLY A 263 6.99 29.63 10.54
N THR A 264 8.00 28.77 10.38
CA THR A 264 7.81 27.42 9.83
C THR A 264 6.84 26.57 10.65
N LEU A 265 5.87 25.98 9.94
CA LEU A 265 4.97 25.00 10.53
C LEU A 265 5.51 23.60 10.30
N ALA A 266 5.50 22.78 11.34
CA ALA A 266 5.92 21.39 11.24
C ALA A 266 4.82 20.45 11.71
N ILE A 267 4.79 19.23 11.15
CA ILE A 267 3.83 18.23 11.57
C ILE A 267 4.29 17.62 12.91
N VAL A 268 3.74 18.14 14.00
CA VAL A 268 4.16 17.80 15.36
C VAL A 268 3.68 16.42 15.80
N ASP A 269 2.48 16.02 15.36
CA ASP A 269 1.93 14.72 15.73
C ASP A 269 0.94 14.18 14.70
N ASN A 270 0.69 12.88 14.77
CA ASN A 270 -0.40 12.23 14.03
C ASN A 270 -1.29 11.43 14.97
N HIS A 271 -2.58 11.38 14.65
CA HIS A 271 -3.55 10.67 15.48
C HIS A 271 -4.53 9.92 14.63
N ALA A 272 -4.95 8.76 15.12
CA ALA A 272 -5.94 7.93 14.46
C ALA A 272 -7.00 7.46 15.45
N TRP A 273 -8.16 7.02 14.92
CA TRP A 273 -9.20 6.43 15.74
C TRP A 273 -10.23 5.73 14.89
N LEU A 274 -10.40 4.43 15.15
CA LEU A 274 -11.44 3.64 14.49
C LEU A 274 -12.74 3.71 15.30
N MET A 275 -13.83 4.06 14.62
CA MET A 275 -15.14 4.22 15.27
C MET A 275 -15.89 2.89 15.32
N GLU A 276 -16.43 2.58 16.51
CA GLU A 276 -17.19 1.35 16.73
C GLU A 276 -18.51 1.38 15.98
N GLY A 277 -18.84 0.24 15.35
CA GLY A 277 -20.10 0.06 14.65
C GLY A 277 -20.32 0.98 13.46
N THR A 278 -19.25 1.28 12.73
CA THR A 278 -19.32 2.15 11.55
C THR A 278 -18.76 1.42 10.32
N GLU A 279 -18.91 0.10 10.33
CA GLU A 279 -18.32 -0.78 9.31
C GLU A 279 -18.86 -0.54 7.91
N ASP A 280 -20.14 -0.16 7.84
CA ASP A 280 -20.83 0.06 6.57
C ASP A 280 -20.58 1.47 6.01
N GLY A 281 -20.00 2.34 6.83
CA GLY A 281 -19.74 3.73 6.45
C GLY A 281 -19.09 3.92 5.09
N ILE A 282 -17.92 3.31 4.91
CA ILE A 282 -17.20 3.34 3.64
C ILE A 282 -16.76 1.92 3.28
N THR A 283 -17.38 1.34 2.25
CA THR A 283 -16.98 0.03 1.74
C THR A 283 -16.50 0.14 0.30
N LEU A 284 -15.35 -0.48 0.02
CA LEU A 284 -14.71 -0.40 -1.30
C LEU A 284 -14.59 -1.79 -1.91
N ALA A 285 -14.79 -1.88 -3.21
CA ALA A 285 -14.69 -3.15 -3.92
C ALA A 285 -13.99 -3.00 -5.26
N ILE A 286 -13.40 -4.09 -5.73
CA ILE A 286 -12.94 -4.17 -7.11
C ILE A 286 -13.81 -5.18 -7.85
N LYS A 287 -14.74 -4.65 -8.64
CA LYS A 287 -15.63 -5.47 -9.45
C LYS A 287 -15.07 -5.59 -10.88
N PRO A 288 -15.58 -6.57 -11.67
CA PRO A 288 -15.13 -6.72 -13.07
C PRO A 288 -15.28 -5.46 -13.94
N ASN A 289 -16.28 -4.62 -13.65
CA ASN A 289 -16.50 -3.40 -14.42
C ASN A 289 -15.84 -2.15 -13.81
N GLY A 290 -14.85 -2.37 -12.95
CA GLY A 290 -14.12 -1.28 -12.34
C GLY A 290 -14.13 -1.29 -10.83
N ILE A 291 -13.28 -0.46 -10.23
CA ILE A 291 -13.26 -0.25 -8.79
C ILE A 291 -14.45 0.63 -8.42
N THR A 292 -15.24 0.18 -7.44
CA THR A 292 -16.39 0.95 -7.00
C THR A 292 -16.31 1.37 -5.54
N CYS A 293 -17.04 2.42 -5.24
CA CYS A 293 -17.21 2.88 -3.88
C CYS A 293 -18.69 2.75 -3.55
N THR A 294 -19.00 2.63 -2.27
CA THR A 294 -20.38 2.65 -1.79
C THR A 294 -20.47 3.15 -0.35
N LEU A 295 -21.08 4.32 -0.19
CA LEU A 295 -21.20 4.97 1.10
C LEU A 295 -22.64 4.92 1.58
N SER A 296 -22.82 4.63 2.88
CA SER A 296 -24.16 4.63 3.47
C SER A 296 -24.62 6.06 3.76
N LYS A 297 -25.94 6.23 3.85
CA LYS A 297 -26.54 7.52 4.16
C LYS A 297 -26.18 7.96 5.58
N PHE A 298 -25.72 7.00 6.38
CA PHE A 298 -25.43 7.22 7.79
C PHE A 298 -24.00 7.70 8.05
N LEU A 299 -23.19 7.73 7.00
CA LEU A 299 -21.80 8.19 7.10
C LEU A 299 -21.67 9.58 7.72
N PRO A 300 -22.47 10.56 7.23
CA PRO A 300 -22.43 11.88 7.85
C PRO A 300 -22.76 11.85 9.35
N GLN A 301 -23.74 11.02 9.74
CA GLN A 301 -24.12 10.87 11.15
C GLN A 301 -22.98 10.28 12.00
N TYR A 302 -22.25 9.33 11.42
CA TYR A 302 -21.09 8.72 12.08
C TYR A 302 -20.03 9.77 12.41
N ILE A 303 -19.83 10.71 11.48
CA ILE A 303 -18.84 11.78 11.64
C ILE A 303 -19.22 12.71 12.78
N ALA A 304 -20.42 13.29 12.72
CA ALA A 304 -20.91 14.21 13.74
C ALA A 304 -20.98 13.55 15.13
N LYS A 305 -21.18 12.23 15.14
CA LYS A 305 -21.28 11.47 16.37
C LYS A 305 -19.92 11.18 16.99
N ASN A 306 -18.87 11.14 16.16
CA ASN A 306 -17.55 10.72 16.62
C ASN A 306 -16.39 11.70 16.43
N ILE A 307 -16.60 12.74 15.61
CA ILE A 307 -15.53 13.69 15.27
C ILE A 307 -15.02 14.49 16.48
N ALA A 308 -15.89 14.70 17.46
CA ALA A 308 -15.51 15.36 18.70
C ALA A 308 -14.47 14.53 19.46
N PHE A 309 -14.76 13.25 19.67
CA PHE A 309 -13.88 12.35 20.41
C PHE A 309 -12.49 12.22 19.79
N PHE A 310 -12.42 12.29 18.46
CA PHE A 310 -11.16 12.22 17.73
C PHE A 310 -10.34 13.50 17.88
N ALA A 311 -10.98 14.65 17.65
CA ALA A 311 -10.30 15.94 17.66
C ALA A 311 -9.94 16.42 19.07
N ASP A 312 -10.86 16.20 20.02
CA ASP A 312 -10.59 16.50 21.42
C ASP A 312 -9.56 15.53 22.00
N GLY A 313 -9.51 14.32 21.43
CA GLY A 313 -8.46 13.36 21.78
C GLY A 313 -7.10 13.86 21.35
N PHE A 314 -6.99 14.25 20.07
CA PHE A 314 -5.76 14.75 19.47
C PHE A 314 -5.14 15.91 20.27
N LEU A 315 -5.99 16.86 20.66
CA LEU A 315 -5.54 18.11 21.27
C LEU A 315 -5.21 17.98 22.76
N LYS A 316 -5.84 17.04 23.44
CA LYS A 316 -5.57 16.81 24.87
C LYS A 316 -4.19 16.18 25.11
N LYS A 317 -3.67 15.49 24.09
CA LYS A 317 -2.32 14.93 24.14
C LYS A 317 -1.26 16.03 24.17
N HIS A 318 -1.64 17.22 23.70
CA HIS A 318 -0.74 18.36 23.63
C HIS A 318 -1.21 19.53 24.47
N LYS A 319 -2.15 19.25 25.38
CA LYS A 319 -2.68 20.24 26.32
C LYS A 319 -3.34 21.44 25.62
N LEU A 320 -4.10 21.16 24.57
CA LEU A 320 -4.75 22.19 23.76
C LEU A 320 -6.24 21.91 23.57
N GLY A 321 -7.01 22.98 23.29
CA GLY A 321 -8.44 22.88 23.04
C GLY A 321 -8.80 23.48 21.69
N ARG A 322 -10.05 23.30 21.27
CA ARG A 322 -10.51 23.73 19.95
C ARG A 322 -10.19 25.21 19.64
N ASP A 323 -10.22 26.05 20.68
CA ASP A 323 -9.90 27.47 20.56
C ASP A 323 -8.49 27.70 20.02
N ASP A 324 -7.54 26.91 20.49
CA ASP A 324 -6.12 27.06 20.15
C ASP A 324 -5.78 26.77 18.69
N VAL A 325 -6.77 26.32 17.91
CA VAL A 325 -6.54 25.96 16.50
C VAL A 325 -6.90 27.11 15.55
N ASP A 326 -5.91 27.52 14.75
CA ASP A 326 -6.06 28.63 13.80
C ASP A 326 -6.70 28.20 12.49
N PHE A 327 -6.25 27.06 11.96
CA PHE A 327 -6.82 26.53 10.71
C PHE A 327 -7.26 25.08 10.81
N TRP A 328 -8.43 24.80 10.24
CA TRP A 328 -8.95 23.44 10.17
C TRP A 328 -9.02 23.02 8.74
N CYS A 329 -8.37 21.90 8.42
CA CYS A 329 -8.39 21.36 7.07
C CYS A 329 -9.25 20.09 7.01
N VAL A 330 -10.55 20.30 6.81
CA VAL A 330 -11.50 19.19 6.72
C VAL A 330 -11.52 18.65 5.30
N HIS A 331 -11.59 17.32 5.18
CA HIS A 331 -11.67 16.64 3.90
C HIS A 331 -12.96 16.95 3.19
N PRO A 332 -12.87 17.62 2.01
CA PRO A 332 -14.06 18.00 1.24
C PRO A 332 -14.63 16.81 0.47
N GLY A 333 -15.22 15.87 1.20
CA GLY A 333 -15.74 14.63 0.62
C GLY A 333 -17.16 14.76 0.08
N GLY A 334 -17.79 15.89 0.37
CA GLY A 334 -19.17 16.14 -0.05
C GLY A 334 -19.85 17.18 0.81
N ARG A 335 -21.02 17.61 0.37
CA ARG A 335 -21.82 18.62 1.07
C ARG A 335 -22.00 18.23 2.53
N ARG A 336 -22.61 17.08 2.76
CA ARG A 336 -22.95 16.61 4.10
C ARG A 336 -21.73 16.25 4.94
N ILE A 337 -20.65 15.83 4.29
CA ILE A 337 -19.42 15.43 4.99
C ILE A 337 -18.77 16.62 5.70
N ILE A 338 -18.72 17.77 5.03
CA ILE A 338 -18.20 19.00 5.63
C ILE A 338 -19.15 19.55 6.70
N GLU A 339 -20.45 19.53 6.40
CA GLU A 339 -21.49 20.07 7.28
C GLU A 339 -21.52 19.44 8.68
N GLU A 340 -21.36 18.11 8.73
CA GLU A 340 -21.40 17.38 9.98
C GLU A 340 -20.09 17.51 10.76
N ALA A 341 -18.99 17.77 10.04
CA ALA A 341 -17.73 18.13 10.66
C ALA A 341 -17.85 19.50 11.33
N GLN A 342 -18.59 20.41 10.68
CA GLN A 342 -18.90 21.72 11.25
C GLN A 342 -19.82 21.60 12.46
N ASN A 343 -20.80 20.72 12.36
CA ASN A 343 -21.78 20.52 13.43
C ASN A 343 -21.17 19.88 14.68
N GLY A 344 -20.39 18.82 14.48
CA GLY A 344 -19.78 18.08 15.58
C GLY A 344 -18.65 18.83 16.28
N LEU A 345 -18.03 19.77 15.57
CA LEU A 345 -16.93 20.55 16.13
C LEU A 345 -17.29 22.01 16.40
N GLY A 346 -18.49 22.41 15.97
CA GLY A 346 -18.95 23.77 16.11
C GLY A 346 -18.09 24.75 15.34
N LEU A 347 -17.72 24.36 14.12
CA LEU A 347 -16.87 25.18 13.26
C LEU A 347 -17.68 26.12 12.39
N SER A 348 -17.17 27.33 12.22
CA SER A 348 -17.81 28.33 11.37
C SER A 348 -17.61 28.00 9.90
N GLU A 349 -18.49 28.56 9.06
CA GLU A 349 -18.40 28.38 7.62
C GLU A 349 -17.22 29.16 7.05
N GLU A 350 -16.64 30.03 7.89
CA GLU A 350 -15.50 30.87 7.51
C GLU A 350 -14.18 30.15 7.76
N GLN A 351 -14.16 29.29 8.77
CA GLN A 351 -13.00 28.47 9.08
C GLN A 351 -12.85 27.33 8.07
N THR A 352 -14.00 26.79 7.65
CA THR A 352 -14.05 25.71 6.67
C THR A 352 -14.13 26.22 5.23
N ALA A 353 -13.96 27.54 5.05
CA ALA A 353 -14.06 28.19 3.75
C ALA A 353 -13.11 27.62 2.68
N ASP A 354 -11.97 27.11 3.14
CA ASP A 354 -11.01 26.44 2.26
C ASP A 354 -11.58 25.12 1.72
N SER A 355 -12.27 24.39 2.59
CA SER A 355 -12.83 23.08 2.26
C SER A 355 -13.96 23.18 1.22
N TRP A 356 -14.77 24.23 1.32
CA TRP A 356 -15.83 24.48 0.35
C TRP A 356 -15.25 24.89 -0.99
N ALA A 357 -14.18 25.68 -0.94
CA ALA A 357 -13.51 26.18 -2.13
C ALA A 357 -12.92 25.06 -2.99
N VAL A 358 -12.26 24.10 -2.33
CA VAL A 358 -11.68 22.95 -3.02
C VAL A 358 -12.81 22.12 -3.64
N LEU A 359 -13.81 21.79 -2.82
CA LEU A 359 -14.97 21.02 -3.24
C LEU A 359 -15.68 21.64 -4.45
N GLY A 360 -15.89 22.96 -4.40
CA GLY A 360 -16.56 23.69 -5.47
C GLY A 360 -15.80 23.69 -6.79
N GLU A 361 -14.48 23.76 -6.70
CA GLU A 361 -13.63 23.88 -7.88
C GLU A 361 -13.18 22.52 -8.43
N TYR A 362 -12.95 21.57 -7.54
CA TYR A 362 -12.34 20.29 -7.92
C TYR A 362 -13.20 19.05 -7.65
N GLY A 363 -14.20 19.18 -6.79
CA GLY A 363 -14.96 18.03 -6.30
C GLY A 363 -14.16 17.22 -5.30
N ASN A 364 -14.58 15.97 -5.08
CA ASN A 364 -13.85 15.06 -4.19
C ASN A 364 -12.87 14.18 -4.97
N MET A 365 -11.58 14.51 -4.86
CA MET A 365 -10.53 13.80 -5.58
C MET A 365 -9.97 12.63 -4.76
N LEU A 366 -10.62 12.31 -3.65
CA LEU A 366 -10.15 11.26 -2.73
C LEU A 366 -8.91 11.74 -1.95
N SER A 367 -7.80 11.02 -2.10
CA SER A 367 -6.59 11.24 -1.30
C SER A 367 -6.01 12.67 -1.32
N PRO A 368 -5.79 13.23 -2.54
CA PRO A 368 -5.15 14.55 -2.59
C PRO A 368 -6.02 15.71 -2.08
N SER A 369 -7.34 15.50 -1.96
CA SER A 369 -8.27 16.56 -1.60
C SER A 369 -7.85 17.34 -0.36
N VAL A 370 -7.40 16.59 0.66
CA VAL A 370 -6.89 17.16 1.91
C VAL A 370 -5.68 18.06 1.65
N MET A 371 -4.80 17.62 0.74
CA MET A 371 -3.60 18.37 0.36
C MET A 371 -3.96 19.66 -0.38
N PHE A 372 -5.06 19.63 -1.13
CA PHE A 372 -5.54 20.82 -1.84
C PHE A 372 -6.00 21.90 -0.85
N VAL A 373 -6.81 21.50 0.13
CA VAL A 373 -7.25 22.39 1.20
C VAL A 373 -6.05 22.91 1.98
N LEU A 374 -5.17 21.98 2.37
CA LEU A 374 -3.94 22.29 3.07
C LEU A 374 -3.10 23.29 2.27
N SER A 375 -2.99 23.07 0.97
CA SER A 375 -2.25 23.96 0.08
C SER A 375 -3.08 25.16 -0.35
N ARG A 376 -3.97 25.61 0.54
CA ARG A 376 -4.67 26.87 0.40
C ARG A 376 -4.32 27.71 1.61
N VAL A 377 -4.23 27.04 2.76
CA VAL A 377 -3.82 27.63 4.03
C VAL A 377 -2.37 28.10 3.94
N PHE A 378 -1.53 27.28 3.31
CA PHE A 378 -0.10 27.54 3.15
C PHE A 378 0.21 28.79 2.34
N LYS A 379 -0.68 29.12 1.40
CA LYS A 379 -0.56 30.35 0.60
C LYS A 379 -0.76 31.58 1.48
N ARG A 380 -1.88 31.62 2.21
CA ARG A 380 -2.15 32.68 3.17
C ARG A 380 -1.04 32.80 4.21
N HIS A 381 -0.57 31.65 4.69
CA HIS A 381 0.45 31.60 5.74
C HIS A 381 1.75 32.18 5.27
N ASN A 382 2.25 31.68 4.14
CA ASN A 382 3.50 32.15 3.56
C ASN A 382 3.49 33.62 3.15
N ALA A 383 2.33 34.10 2.69
CA ALA A 383 2.18 35.50 2.30
C ALA A 383 2.14 36.43 3.52
N ALA A 384 1.65 35.92 4.64
CA ALA A 384 1.62 36.68 5.90
C ALA A 384 3.04 36.87 6.47
N LEU A 385 3.89 35.87 6.27
CA LEU A 385 5.29 35.92 6.73
C LEU A 385 6.14 36.84 5.86
N ALA A 386 5.73 37.00 4.59
CA ALA A 386 6.39 37.91 3.67
C ALA A 386 6.12 39.38 4.02
N GLN A 387 5.08 39.59 4.85
CA GLN A 387 4.69 40.94 5.29
C GLN A 387 4.90 41.11 6.80
N GLY A 388 5.74 40.26 7.38
CA GLY A 388 6.12 40.36 8.79
C GLY A 388 5.08 39.94 9.81
N LYS A 389 3.93 39.47 9.34
CA LYS A 389 2.83 39.03 10.23
C LYS A 389 3.11 37.62 10.79
N PRO A 390 2.59 37.32 12.00
CA PRO A 390 2.94 36.07 12.69
C PRO A 390 2.52 34.78 11.97
N GLY A 391 1.37 34.83 11.30
CA GLY A 391 0.84 33.67 10.57
C GLY A 391 0.07 32.71 11.47
N TYR A 392 -0.41 31.62 10.88
CA TYR A 392 -1.11 30.57 11.62
C TYR A 392 -0.16 29.86 12.57
N GLN A 393 -0.59 29.71 13.83
CA GLN A 393 0.24 29.11 14.87
C GLN A 393 -0.02 27.61 15.05
N THR A 394 -1.28 27.21 14.93
CA THR A 394 -1.69 25.81 15.17
C THR A 394 -2.88 25.43 14.30
N GLY A 395 -2.73 24.33 13.55
CA GLY A 395 -3.81 23.81 12.72
C GLY A 395 -3.93 22.30 12.70
N MET A 396 -5.12 21.81 12.36
CA MET A 396 -5.37 20.36 12.23
C MET A 396 -6.01 19.95 10.91
N ALA A 397 -5.36 19.01 10.23
CA ALA A 397 -5.90 18.44 9.00
C ALA A 397 -6.32 17.00 9.27
N PHE A 398 -7.56 16.68 8.94
CA PHE A 398 -8.05 15.31 9.10
C PHE A 398 -8.87 14.82 7.89
N SER A 399 -9.11 13.51 7.86
CA SER A 399 -9.90 12.86 6.83
C SER A 399 -10.45 11.55 7.38
N PHE A 400 -11.20 10.82 6.55
CA PHE A 400 -11.85 9.58 7.00
C PHE A 400 -11.55 8.38 6.12
N SER A 401 -11.15 7.28 6.76
CA SER A 401 -10.78 6.05 6.10
C SER A 401 -11.82 4.96 6.34
N PRO A 402 -11.93 3.98 5.41
CA PRO A 402 -12.80 2.82 5.61
C PRO A 402 -12.58 2.21 7.00
N GLY A 403 -13.66 2.04 7.75
CA GLY A 403 -13.59 1.62 9.14
C GLY A 403 -14.90 1.74 9.89
N VAL A 404 -15.43 2.95 10.04
CA VAL A 404 -14.79 4.18 9.59
C VAL A 404 -13.77 4.69 10.60
N GLY A 405 -12.57 4.97 10.11
CA GLY A 405 -11.53 5.55 10.93
C GLY A 405 -11.36 7.03 10.65
N ALA A 406 -10.89 7.75 11.67
CA ALA A 406 -10.52 9.15 11.51
C ALA A 406 -8.99 9.27 11.50
N GLU A 407 -8.48 9.99 10.51
CA GLU A 407 -7.04 10.13 10.29
C GLU A 407 -6.66 11.59 10.23
N GLY A 408 -5.78 12.02 11.13
CA GLY A 408 -5.41 13.43 11.22
C GLY A 408 -3.96 13.73 11.53
N ILE A 409 -3.56 14.98 11.29
CA ILE A 409 -2.21 15.47 11.60
C ILE A 409 -2.29 16.85 12.26
N LEU A 410 -1.27 17.15 13.08
CA LEU A 410 -1.23 18.42 13.79
C LEU A 410 -0.02 19.25 13.37
N LEU A 411 -0.30 20.48 12.93
CA LEU A 411 0.74 21.41 12.52
C LEU A 411 0.87 22.55 13.52
N ARG A 412 2.05 22.66 14.13
CA ARG A 412 2.37 23.76 15.02
C ARG A 412 3.65 24.45 14.58
N GLN A 413 3.77 25.72 14.95
CA GLN A 413 4.88 26.57 14.52
C GLN A 413 6.13 26.37 15.38
N ILE A 414 7.29 26.37 14.73
CA ILE A 414 8.58 26.39 15.42
C ILE A 414 9.24 27.76 15.22
N LYS B 36 30.23 8.80 26.31
CA LYS B 36 29.35 8.47 25.15
C LYS B 36 29.88 7.27 24.39
N ASP B 37 29.65 6.07 24.94
CA ASP B 37 30.11 4.82 24.33
C ASP B 37 29.29 4.47 23.09
N GLU B 38 27.97 4.62 23.20
CA GLU B 38 27.03 4.58 22.05
C GLU B 38 25.58 4.41 22.54
N GLN B 39 24.68 5.16 21.91
CA GLN B 39 23.25 5.12 22.26
C GLN B 39 22.39 4.90 21.01
N THR B 40 23.00 4.36 19.96
CA THR B 40 22.34 4.16 18.68
C THR B 40 21.27 3.08 18.77
N VAL B 41 20.06 3.43 18.31
CA VAL B 41 18.94 2.51 18.31
C VAL B 41 18.90 1.68 17.02
N TYR B 42 18.83 0.37 17.18
CA TYR B 42 18.76 -0.56 16.05
C TYR B 42 17.40 -1.25 16.00
N PRO B 43 16.85 -1.42 14.79
CA PRO B 43 15.57 -2.11 14.61
C PRO B 43 15.72 -3.63 14.74
N VAL B 44 15.00 -4.22 15.69
CA VAL B 44 15.10 -5.65 15.95
C VAL B 44 13.73 -6.33 15.81
N ILE B 45 13.72 -7.51 15.18
CA ILE B 45 12.54 -8.36 15.15
C ILE B 45 12.36 -9.02 16.53
N ALA B 46 11.40 -8.50 17.30
CA ALA B 46 11.12 -8.98 18.65
C ALA B 46 10.31 -10.27 18.66
N GLY B 47 9.75 -10.64 17.52
CA GLY B 47 8.99 -11.89 17.39
C GLY B 47 8.55 -12.17 15.97
N MET B 48 8.40 -13.45 15.64
CA MET B 48 7.97 -13.88 14.31
C MET B 48 7.05 -15.09 14.37
N ALA B 49 6.08 -15.14 13.46
CA ALA B 49 5.18 -16.28 13.36
C ALA B 49 4.92 -16.67 11.90
N ILE B 50 4.63 -17.96 11.70
CA ILE B 50 4.40 -18.54 10.37
C ILE B 50 3.01 -19.16 10.31
N GLY B 51 2.32 -18.97 9.19
CA GLY B 51 0.94 -19.45 9.05
C GLY B 51 0.60 -20.08 7.71
N ASN B 52 -0.32 -21.04 7.75
CA ASN B 52 -0.78 -21.75 6.57
C ASN B 52 -2.20 -22.29 6.72
N PRO B 53 -3.02 -22.18 5.65
CA PRO B 53 -4.37 -22.74 5.65
C PRO B 53 -4.39 -24.27 5.64
N GLN B 54 -5.60 -24.85 5.71
CA GLN B 54 -5.82 -26.29 5.93
C GLN B 54 -5.13 -27.27 4.99
N TYR B 55 -5.06 -26.92 3.71
CA TYR B 55 -4.87 -27.92 2.66
C TYR B 55 -3.47 -28.06 2.07
N ARG B 56 -2.71 -29.01 2.60
CA ARG B 56 -1.40 -29.37 2.05
C ARG B 56 -1.59 -30.24 0.80
N CYS B 57 -1.27 -29.69 -0.37
CA CYS B 57 -1.46 -30.39 -1.64
C CYS B 57 -0.14 -30.75 -2.30
N THR B 58 0.16 -32.04 -2.33
CA THR B 58 1.36 -32.56 -2.97
C THR B 58 1.32 -32.29 -4.46
N GLN B 59 2.48 -31.99 -5.05
CA GLN B 59 2.60 -31.63 -6.46
C GLN B 59 2.05 -32.69 -7.42
N ASN B 60 2.01 -33.94 -6.95
CA ASN B 60 1.38 -35.03 -7.69
C ASN B 60 -0.13 -34.84 -7.81
N GLU B 61 -0.75 -34.43 -6.70
CA GLU B 61 -2.19 -34.15 -6.66
C GLU B 61 -2.54 -32.89 -7.44
N ALA B 62 -1.66 -31.89 -7.36
CA ALA B 62 -1.84 -30.62 -8.06
C ALA B 62 -1.80 -30.82 -9.58
N LEU B 63 -0.90 -31.68 -10.03
CA LEU B 63 -0.77 -32.00 -11.45
C LEU B 63 -2.00 -32.72 -11.98
N ALA B 64 -2.51 -33.68 -11.19
CA ALA B 64 -3.68 -34.46 -11.56
C ALA B 64 -4.93 -33.59 -11.70
N VAL B 65 -5.10 -32.64 -10.79
CA VAL B 65 -6.22 -31.70 -10.82
C VAL B 65 -6.16 -30.84 -12.09
N ALA B 66 -5.03 -30.17 -12.31
CA ALA B 66 -4.84 -29.27 -13.45
C ALA B 66 -5.04 -29.99 -14.79
N SER B 67 -4.57 -31.22 -14.88
CA SER B 67 -4.70 -32.02 -16.11
C SER B 67 -6.10 -32.56 -16.33
N LYS B 68 -6.88 -32.67 -15.26
CA LYS B 68 -8.26 -33.17 -15.32
C LYS B 68 -9.23 -32.07 -15.76
N CYS B 69 -8.78 -30.83 -15.67
CA CYS B 69 -9.56 -29.67 -16.14
C CYS B 69 -9.67 -29.70 -17.68
N PRO B 70 -10.91 -29.65 -18.20
CA PRO B 70 -11.13 -29.59 -19.64
C PRO B 70 -10.61 -28.27 -20.24
N GLY B 71 -10.10 -28.35 -21.46
CA GLY B 71 -9.45 -27.20 -22.10
C GLY B 71 -7.95 -27.32 -22.02
N LEU B 72 -7.45 -27.71 -20.84
CA LEU B 72 -6.04 -27.97 -20.64
C LEU B 72 -5.67 -29.41 -20.99
N GLU B 73 -6.61 -30.11 -21.65
CA GLU B 73 -6.46 -31.52 -21.97
C GLU B 73 -5.46 -31.75 -23.11
N SER B 74 -5.23 -30.70 -23.91
CA SER B 74 -4.24 -30.72 -24.97
C SER B 74 -2.94 -30.05 -24.54
N ILE B 75 -2.85 -29.70 -23.25
CA ILE B 75 -1.71 -28.99 -22.68
C ILE B 75 -1.00 -29.83 -21.61
N LYS B 76 -1.44 -31.08 -21.47
CA LYS B 76 -0.91 -32.02 -20.46
C LYS B 76 0.59 -32.33 -20.53
N PRO B 77 1.16 -32.46 -21.76
CA PRO B 77 2.61 -32.73 -21.83
C PRO B 77 3.48 -31.65 -21.19
N VAL B 78 3.10 -30.38 -21.35
CA VAL B 78 3.87 -29.28 -20.77
C VAL B 78 3.60 -29.17 -19.26
N LEU B 79 2.42 -29.60 -18.84
CA LEU B 79 2.05 -29.64 -17.42
C LEU B 79 2.93 -30.63 -16.67
N GLU B 80 3.19 -31.78 -17.29
CA GLU B 80 4.04 -32.80 -16.69
C GLU B 80 5.49 -32.36 -16.56
N ARG B 81 5.94 -31.51 -17.49
CA ARG B 81 7.30 -30.97 -17.47
C ARG B 81 7.46 -29.90 -16.39
N ILE B 82 6.44 -29.05 -16.24
CA ILE B 82 6.46 -27.96 -15.27
C ILE B 82 6.32 -28.47 -13.84
N TYR B 83 5.28 -29.28 -13.60
CA TYR B 83 5.03 -29.86 -12.29
C TYR B 83 6.08 -30.91 -11.89
N GLY B 84 6.47 -31.75 -12.84
CA GLY B 84 7.46 -32.80 -12.59
C GLY B 84 8.82 -32.28 -12.23
N ASN B 85 9.25 -31.22 -12.90
CA ASN B 85 10.54 -30.59 -12.64
C ASN B 85 10.37 -29.26 -11.92
N SER B 86 9.77 -29.31 -10.73
CA SER B 86 9.51 -28.10 -9.95
C SER B 86 10.17 -28.09 -8.58
N ARG B 87 10.69 -29.25 -8.15
CA ARG B 87 11.07 -29.52 -6.75
C ARG B 87 10.25 -28.70 -5.74
N ILE B 88 8.96 -28.57 -6.05
CA ILE B 88 7.96 -28.15 -5.11
C ILE B 88 7.27 -29.46 -4.72
N GLY B 89 7.57 -29.96 -3.53
CA GLY B 89 6.95 -31.17 -3.02
C GLY B 89 5.47 -30.97 -2.72
N SER B 90 5.17 -29.88 -2.03
CA SER B 90 3.80 -29.61 -1.58
C SER B 90 3.48 -28.12 -1.56
N ARG B 91 2.19 -27.79 -1.58
CA ARG B 91 1.71 -26.41 -1.49
C ARG B 91 0.46 -26.33 -0.62
N TYR B 92 0.26 -25.20 0.04
CA TYR B 92 -0.89 -25.01 0.92
C TYR B 92 -1.93 -24.08 0.31
N PHE B 93 -3.19 -24.47 0.39
CA PHE B 93 -4.32 -23.68 -0.13
C PHE B 93 -5.41 -23.45 0.91
N ALA B 94 -6.11 -22.32 0.79
CA ALA B 94 -7.21 -21.98 1.70
C ALA B 94 -8.52 -22.61 1.25
N VAL B 95 -8.57 -23.00 -0.02
CA VAL B 95 -9.76 -23.52 -0.67
C VAL B 95 -9.61 -25.01 -0.95
N PRO B 96 -10.68 -25.81 -0.69
CA PRO B 96 -10.59 -27.27 -0.75
C PRO B 96 -10.57 -27.89 -2.15
N ASP B 97 -10.77 -27.07 -3.18
CA ASP B 97 -10.97 -27.56 -4.55
C ASP B 97 -9.83 -28.42 -5.11
N PHE B 98 -8.63 -28.22 -4.60
CA PHE B 98 -7.45 -28.95 -5.10
C PHE B 98 -7.23 -30.26 -4.34
N THR B 99 -7.91 -30.40 -3.20
CA THR B 99 -7.80 -31.58 -2.36
C THR B 99 -9.18 -32.01 -1.85
N PRO B 100 -10.08 -32.40 -2.78
CA PRO B 100 -11.47 -32.68 -2.39
C PRO B 100 -11.65 -33.95 -1.56
N GLY B 101 -10.71 -34.89 -1.68
CA GLY B 101 -10.75 -36.15 -0.94
C GLY B 101 -10.56 -36.02 0.55
N ARG B 102 -9.92 -34.93 0.97
CA ARG B 102 -9.73 -34.64 2.39
C ARG B 102 -10.22 -33.22 2.74
N ALA B 103 -11.30 -32.81 2.08
CA ALA B 103 -11.92 -31.51 2.32
C ALA B 103 -12.58 -31.49 3.69
N ALA B 104 -12.48 -30.35 4.36
CA ALA B 104 -13.09 -30.17 5.68
C ALA B 104 -14.61 -30.12 5.58
N LYS B 105 -15.26 -30.69 6.60
CA LYS B 105 -16.72 -30.75 6.65
C LYS B 105 -17.31 -29.36 6.86
N GLY B 106 -18.17 -28.95 5.93
CA GLY B 106 -18.78 -27.63 5.96
C GLY B 106 -18.00 -26.60 5.17
N ASP B 107 -16.92 -27.06 4.51
CA ASP B 107 -16.12 -26.20 3.66
C ASP B 107 -16.49 -26.44 2.19
N PRO B 108 -17.19 -25.48 1.56
CA PRO B 108 -17.66 -25.69 0.20
C PRO B 108 -16.58 -25.50 -0.86
N LEU B 109 -16.71 -26.22 -1.97
CA LEU B 109 -15.87 -26.02 -3.14
C LEU B 109 -16.14 -24.63 -3.71
N PHE B 110 -15.07 -23.89 -3.99
CA PHE B 110 -15.16 -22.51 -4.42
C PHE B 110 -15.37 -22.35 -5.92
N TYR B 111 -14.77 -23.25 -6.71
CA TYR B 111 -14.81 -23.16 -8.16
C TYR B 111 -15.97 -23.95 -8.77
N PRO B 112 -16.55 -23.45 -9.89
CA PRO B 112 -17.75 -24.02 -10.53
C PRO B 112 -17.67 -25.51 -10.84
N ALA B 113 -18.82 -26.17 -10.89
CA ALA B 113 -18.88 -27.62 -11.13
C ALA B 113 -18.53 -27.99 -12.56
N ASP B 114 -18.82 -27.09 -13.51
CA ASP B 114 -18.57 -27.35 -14.93
C ASP B 114 -17.10 -27.23 -15.33
N GLY B 115 -16.22 -27.02 -14.36
CA GLY B 115 -14.78 -26.94 -14.59
C GLY B 115 -14.33 -25.74 -15.41
N SER B 116 -15.15 -24.69 -15.40
CA SER B 116 -14.87 -23.47 -16.16
C SER B 116 -13.92 -22.53 -15.43
N TYR B 117 -13.89 -22.63 -14.09
CA TYR B 117 -13.10 -21.75 -13.23
C TYR B 117 -13.38 -20.27 -13.49
N GLN B 118 -14.67 -19.97 -13.67
CA GLN B 118 -15.13 -18.62 -13.92
C GLN B 118 -15.83 -18.05 -12.69
N VAL B 119 -15.09 -17.23 -11.94
CA VAL B 119 -15.61 -16.53 -10.78
C VAL B 119 -15.24 -15.05 -10.91
N PRO B 120 -16.21 -14.15 -10.74
CA PRO B 120 -15.93 -12.71 -10.82
C PRO B 120 -14.94 -12.24 -9.74
N VAL B 121 -14.11 -11.26 -10.08
CA VAL B 121 -12.97 -10.84 -9.25
C VAL B 121 -13.37 -10.36 -7.84
N ASP B 122 -14.51 -9.68 -7.73
CA ASP B 122 -15.03 -9.21 -6.44
C ASP B 122 -15.44 -10.36 -5.52
N VAL B 123 -15.98 -11.43 -6.10
CA VAL B 123 -16.36 -12.63 -5.36
C VAL B 123 -15.10 -13.34 -4.87
N ARG B 124 -14.03 -13.27 -5.68
CA ARG B 124 -12.74 -13.85 -5.33
C ARG B 124 -12.13 -13.11 -4.15
N LEU B 125 -12.26 -11.79 -4.14
CA LEU B 125 -11.75 -10.98 -3.04
C LEU B 125 -12.55 -11.18 -1.77
N ASP B 126 -13.84 -11.46 -1.92
CA ASP B 126 -14.71 -11.84 -0.80
C ASP B 126 -14.23 -13.11 -0.12
N LYS B 127 -13.81 -14.10 -0.92
CA LYS B 127 -13.23 -15.33 -0.38
C LYS B 127 -11.85 -15.14 0.23
N PHE B 128 -11.08 -14.20 -0.31
CA PHE B 128 -9.79 -13.84 0.29
C PHE B 128 -10.02 -13.42 1.73
N LYS B 129 -10.82 -12.38 1.93
CA LYS B 129 -11.17 -11.89 3.27
C LYS B 129 -11.69 -13.01 4.15
N GLU B 130 -12.65 -13.76 3.63
CA GLU B 130 -13.28 -14.89 4.31
C GLU B 130 -12.26 -15.83 4.94
N LYS B 131 -11.23 -16.18 4.18
CA LYS B 131 -10.22 -17.14 4.63
C LYS B 131 -8.97 -16.50 5.22
N ALA B 132 -8.75 -15.22 4.94
CA ALA B 132 -7.58 -14.50 5.44
C ALA B 132 -7.70 -14.08 6.90
N VAL B 133 -8.89 -13.62 7.27
CA VAL B 133 -9.16 -13.18 8.65
C VAL B 133 -8.74 -14.21 9.72
N PRO B 134 -9.25 -15.46 9.63
CA PRO B 134 -8.85 -16.48 10.61
C PRO B 134 -7.34 -16.73 10.60
N LEU B 135 -6.76 -16.71 9.40
CA LEU B 135 -5.34 -16.96 9.20
C LEU B 135 -4.49 -15.82 9.76
N VAL B 136 -4.80 -14.59 9.34
CA VAL B 136 -3.98 -13.42 9.65
C VAL B 136 -4.07 -13.00 11.12
N SER B 137 -5.20 -13.32 11.77
CA SER B 137 -5.37 -12.98 13.19
C SER B 137 -4.62 -13.97 14.08
N ASP B 138 -4.55 -15.22 13.65
CA ASP B 138 -3.81 -16.26 14.37
C ASP B 138 -2.31 -15.98 14.34
N VAL B 139 -1.79 -15.72 13.14
CA VAL B 139 -0.36 -15.47 12.95
C VAL B 139 0.09 -14.19 13.67
N ALA B 140 -0.77 -13.18 13.64
CA ALA B 140 -0.52 -11.93 14.38
C ALA B 140 -0.42 -12.20 15.87
N ARG B 141 -1.38 -12.97 16.40
CA ARG B 141 -1.39 -13.35 17.81
C ARG B 141 -0.11 -14.04 18.27
N ARG B 142 0.33 -15.05 17.51
CA ARG B 142 1.55 -15.79 17.82
C ARG B 142 2.80 -14.92 17.70
N ALA B 143 2.77 -13.92 16.82
CA ALA B 143 3.87 -12.97 16.68
C ALA B 143 4.03 -12.13 17.96
N ILE B 144 2.93 -11.54 18.41
CA ILE B 144 2.90 -10.76 19.65
C ILE B 144 3.28 -11.63 20.86
N LYS B 145 2.94 -12.91 20.79
CA LYS B 145 3.29 -13.89 21.83
C LYS B 145 4.79 -14.18 21.90
N GLU B 146 5.46 -14.16 20.75
CA GLU B 146 6.91 -14.45 20.68
C GLU B 146 7.76 -13.39 21.40
N ALA B 147 7.42 -12.12 21.20
CA ALA B 147 7.91 -11.06 22.07
C ALA B 147 7.11 -11.12 23.37
N GLY B 148 7.68 -10.61 24.46
CA GLY B 148 6.98 -10.61 25.74
C GLY B 148 5.96 -9.50 25.81
N LEU B 149 5.05 -9.48 24.83
CA LEU B 149 4.11 -8.37 24.65
C LEU B 149 2.63 -8.75 24.75
N ASN B 150 1.83 -7.82 25.27
CA ASN B 150 0.38 -7.90 25.23
C ASN B 150 -0.14 -7.20 23.98
N VAL B 151 -1.40 -7.45 23.65
CA VAL B 151 -2.00 -6.91 22.42
C VAL B 151 -2.03 -5.36 22.40
N GLU B 152 -2.20 -4.76 23.58
CA GLU B 152 -2.29 -3.31 23.75
C GLU B 152 -1.02 -2.53 23.35
N ASP B 153 0.12 -3.22 23.26
CA ASP B 153 1.43 -2.60 23.08
C ASP B 153 1.76 -2.17 21.66
N ILE B 154 0.91 -2.52 20.70
CA ILE B 154 1.16 -2.22 19.30
C ILE B 154 0.59 -0.87 18.88
N SER B 155 1.46 -0.03 18.34
CA SER B 155 1.08 1.33 17.96
C SER B 155 0.96 1.49 16.44
N LYS B 156 1.63 0.60 15.71
CA LYS B 156 1.67 0.65 14.25
C LYS B 156 1.35 -0.71 13.63
N LEU B 157 0.50 -0.70 12.61
CA LEU B 157 0.10 -1.93 11.91
C LEU B 157 0.37 -1.81 10.40
N VAL B 158 1.09 -2.80 9.87
CA VAL B 158 1.35 -2.87 8.44
C VAL B 158 0.87 -4.22 7.89
N VAL B 159 -0.14 -4.17 7.01
CA VAL B 159 -0.64 -5.37 6.36
C VAL B 159 -0.23 -5.34 4.89
N VAL B 160 0.40 -6.40 4.43
CA VAL B 160 0.99 -6.45 3.09
C VAL B 160 0.41 -7.58 2.25
N SER B 161 -0.23 -7.22 1.14
CA SER B 161 -0.78 -8.20 0.22
C SER B 161 -0.81 -7.71 -1.23
N SER B 162 -0.87 -8.66 -2.16
CA SER B 162 -1.02 -8.37 -3.56
C SER B 162 -2.19 -9.18 -4.12
N THR B 163 -2.77 -10.02 -3.28
CA THR B 163 -3.86 -10.91 -3.68
C THR B 163 -5.21 -10.53 -3.07
N GLY B 164 -5.20 -9.60 -2.12
CA GLY B 164 -6.43 -9.18 -1.45
C GLY B 164 -6.57 -7.67 -1.29
N PHE B 165 -7.62 -7.12 -1.88
CA PHE B 165 -7.94 -5.70 -1.74
C PHE B 165 -9.42 -5.56 -1.41
N LEU B 166 -9.71 -5.18 -0.17
CA LEU B 166 -11.08 -5.17 0.32
C LEU B 166 -11.49 -3.87 1.03
N GLY B 167 -12.80 -3.58 0.99
CA GLY B 167 -13.40 -2.34 1.52
C GLY B 167 -12.77 -1.79 2.78
N PRO B 168 -13.43 -1.98 3.93
CA PRO B 168 -12.68 -1.88 5.19
C PRO B 168 -11.66 -3.02 5.19
N GLY B 169 -10.42 -2.72 5.56
CA GLY B 169 -9.30 -3.64 5.32
C GLY B 169 -9.04 -4.69 6.38
N LEU B 170 -8.06 -5.55 6.12
CA LEU B 170 -7.59 -6.53 7.09
C LEU B 170 -6.99 -5.82 8.29
N ASP B 171 -6.47 -4.62 8.06
CA ASP B 171 -6.04 -3.74 9.14
C ASP B 171 -7.19 -3.47 10.11
N CYS B 172 -8.37 -3.18 9.58
CA CYS B 172 -9.58 -2.99 10.39
C CYS B 172 -9.98 -4.28 11.10
N GLU B 173 -9.78 -5.41 10.44
CA GLU B 173 -10.22 -6.70 10.94
C GLU B 173 -9.34 -7.18 12.09
N LEU B 174 -8.06 -6.84 12.02
CA LEU B 174 -7.09 -7.22 13.05
C LEU B 174 -7.26 -6.38 14.32
N ILE B 175 -7.82 -5.19 14.17
CA ILE B 175 -8.10 -4.32 15.31
C ILE B 175 -9.27 -4.86 16.15
N LYS B 176 -10.24 -5.47 15.48
CA LYS B 176 -11.45 -5.98 16.16
C LYS B 176 -11.24 -7.36 16.78
N ASN B 177 -10.55 -8.25 16.05
CA ASN B 177 -10.36 -9.64 16.47
C ASN B 177 -9.31 -9.82 17.56
N LEU B 178 -8.33 -8.93 17.57
CA LEU B 178 -7.26 -8.97 18.57
C LEU B 178 -7.46 -7.93 19.66
N GLY B 179 -8.24 -6.90 19.35
CA GLY B 179 -8.54 -5.84 20.30
C GLY B 179 -7.39 -4.86 20.46
N LEU B 180 -6.78 -4.47 19.35
CA LEU B 180 -5.72 -3.47 19.34
C LEU B 180 -6.32 -2.11 19.65
N THR B 181 -5.58 -1.27 20.35
CA THR B 181 -6.02 0.09 20.64
C THR B 181 -6.44 0.78 19.34
N ARG B 182 -7.63 1.37 19.35
CA ARG B 182 -8.24 1.89 18.13
C ARG B 182 -7.52 3.11 17.52
N SER B 183 -6.49 3.60 18.21
CA SER B 183 -5.67 4.71 17.73
C SER B 183 -4.46 4.23 16.93
N VAL B 184 -4.38 2.92 16.70
CA VAL B 184 -3.26 2.28 15.98
C VAL B 184 -3.06 2.82 14.56
N ASP B 185 -1.80 3.10 14.23
CA ASP B 185 -1.41 3.57 12.91
C ASP B 185 -1.58 2.47 11.86
N ARG B 186 -2.28 2.78 10.78
CA ARG B 186 -2.60 1.77 9.76
C ARG B 186 -1.94 2.08 8.43
N THR B 187 -1.32 1.07 7.84
CA THR B 187 -0.78 1.14 6.49
C THR B 187 -1.09 -0.15 5.76
N LEU B 188 -1.66 -0.03 4.56
CA LEU B 188 -1.91 -1.19 3.73
C LEU B 188 -1.03 -1.10 2.49
N ILE B 189 0.07 -1.84 2.51
CA ILE B 189 1.00 -1.89 1.38
C ILE B 189 0.48 -2.90 0.37
N GLY B 190 -0.05 -2.38 -0.73
CA GLY B 190 -0.74 -3.21 -1.71
C GLY B 190 -0.05 -3.30 -3.05
N PHE B 191 0.01 -4.51 -3.59
CA PHE B 191 0.42 -4.77 -4.98
C PHE B 191 1.89 -4.44 -5.25
N MET B 192 2.76 -4.87 -4.35
CA MET B 192 4.20 -4.66 -4.53
C MET B 192 4.93 -5.95 -4.85
N GLY B 193 4.16 -6.97 -5.19
CA GLY B 193 4.71 -8.26 -5.60
C GLY B 193 5.35 -9.03 -4.47
N CYS B 194 6.25 -9.94 -4.85
CA CYS B 194 6.88 -10.87 -3.92
C CYS B 194 7.90 -10.23 -2.99
N ALA B 195 8.29 -8.99 -3.27
CA ALA B 195 9.29 -8.27 -2.47
C ALA B 195 8.69 -7.44 -1.34
N ALA B 196 7.36 -7.36 -1.31
CA ALA B 196 6.63 -6.43 -0.46
C ALA B 196 6.90 -6.55 1.06
N ALA B 197 7.51 -7.65 1.48
CA ALA B 197 7.91 -7.83 2.88
C ALA B 197 9.04 -6.87 3.25
N MET B 198 10.00 -6.71 2.36
CA MET B 198 11.14 -5.80 2.55
C MET B 198 10.65 -4.37 2.74
N ASN B 199 9.69 -3.98 1.92
CA ASN B 199 9.08 -2.65 2.01
C ASN B 199 8.32 -2.48 3.31
N GLY B 200 7.69 -3.56 3.77
CA GLY B 200 7.02 -3.60 5.07
C GLY B 200 8.00 -3.44 6.21
N PHE B 201 9.15 -4.09 6.09
CA PHE B 201 10.22 -3.98 7.08
C PHE B 201 10.76 -2.56 7.19
N ARG B 202 11.08 -1.95 6.05
CA ARG B 202 11.57 -0.57 6.00
C ARG B 202 10.63 0.37 6.74
N ASN B 203 9.36 0.38 6.35
CA ASN B 203 8.31 1.17 7.00
C ASN B 203 8.28 0.99 8.51
N ALA B 204 8.49 -0.24 8.95
CA ALA B 204 8.49 -0.54 10.38
C ALA B 204 9.75 -0.02 11.07
N ASN B 205 10.92 -0.33 10.51
CA ASN B 205 12.22 0.15 11.02
C ASN B 205 12.29 1.67 11.12
N ASP B 206 11.76 2.37 10.13
CA ASP B 206 11.71 3.83 10.12
C ASP B 206 10.91 4.37 11.30
N TYR B 207 9.73 3.78 11.52
CA TYR B 207 8.88 4.16 12.65
C TYR B 207 9.52 3.81 13.98
N VAL B 208 9.97 2.56 14.10
CA VAL B 208 10.57 2.03 15.32
C VAL B 208 11.87 2.76 15.72
N THR B 209 12.61 3.27 14.74
CA THR B 209 13.81 4.06 15.00
C THR B 209 13.44 5.48 15.44
N ALA B 210 12.31 5.97 14.91
CA ALA B 210 11.78 7.27 15.30
C ALA B 210 11.15 7.20 16.70
N ASN B 211 10.62 6.03 17.05
CA ASN B 211 9.96 5.81 18.33
C ASN B 211 10.50 4.59 19.08
N PRO B 212 11.68 4.74 19.73
CA PRO B 212 12.41 3.65 20.38
C PRO B 212 11.57 2.74 21.29
N GLY B 213 10.77 3.33 22.17
CA GLY B 213 10.00 2.57 23.13
C GLY B 213 8.77 1.87 22.58
N LYS B 214 8.42 2.19 21.34
CA LYS B 214 7.17 1.72 20.72
C LYS B 214 7.36 0.49 19.82
N TYR B 215 6.24 -0.17 19.52
CA TYR B 215 6.25 -1.47 18.84
C TYR B 215 5.36 -1.48 17.61
N ALA B 216 5.84 -2.12 16.54
CA ALA B 216 5.11 -2.18 15.28
C ALA B 216 4.93 -3.61 14.79
N LEU B 217 3.73 -3.91 14.28
CA LEU B 217 3.39 -5.24 13.76
C LEU B 217 3.31 -5.18 12.23
N MET B 218 3.98 -6.15 11.59
CA MET B 218 4.04 -6.19 10.13
C MET B 218 3.66 -7.58 9.65
N ILE B 219 2.56 -7.68 8.92
CA ILE B 219 2.08 -8.96 8.41
C ILE B 219 2.02 -8.99 6.89
N CYS B 220 2.53 -10.07 6.32
CA CYS B 220 2.37 -10.34 4.90
C CYS B 220 1.48 -11.56 4.75
N VAL B 221 0.48 -11.45 3.88
CA VAL B 221 -0.45 -12.55 3.65
C VAL B 221 -0.85 -12.62 2.18
N GLU B 222 -0.74 -13.83 1.61
CA GLU B 222 -1.19 -14.05 0.24
C GLU B 222 -2.01 -15.33 0.07
N LEU B 223 -3.04 -15.24 -0.77
CA LEU B 223 -3.94 -16.36 -1.04
C LEU B 223 -4.16 -16.50 -2.55
N SER B 224 -3.16 -17.03 -3.25
CA SER B 224 -3.23 -17.20 -4.70
C SER B 224 -4.21 -18.29 -5.15
N SER B 225 -4.65 -19.14 -4.21
CA SER B 225 -5.63 -20.19 -4.48
C SER B 225 -7.02 -19.62 -4.79
N VAL B 226 -7.16 -18.31 -4.61
CA VAL B 226 -8.39 -17.59 -4.90
C VAL B 226 -8.41 -17.06 -6.36
N HIS B 227 -7.24 -16.93 -6.95
CA HIS B 227 -7.10 -16.31 -8.27
C HIS B 227 -6.76 -17.28 -9.37
N THR B 228 -7.11 -18.55 -9.16
CA THR B 228 -6.83 -19.59 -10.13
C THR B 228 -7.83 -19.53 -11.29
N THR B 229 -7.30 -19.60 -12.52
CA THR B 229 -8.11 -19.52 -13.73
C THR B 229 -7.94 -20.75 -14.63
N PHE B 230 -6.72 -21.32 -14.61
CA PHE B 230 -6.32 -22.42 -15.49
C PHE B 230 -6.45 -22.07 -16.98
N ASP B 231 -5.80 -20.98 -17.36
CA ASP B 231 -5.83 -20.51 -18.74
C ASP B 231 -4.99 -21.37 -19.69
N ASP B 232 -5.32 -21.27 -20.98
CA ASP B 232 -4.74 -22.09 -22.04
C ASP B 232 -3.23 -21.90 -22.29
N ASN B 233 -2.69 -20.76 -21.90
CA ASN B 233 -1.28 -20.42 -22.14
C ASN B 233 -0.30 -21.04 -21.14
N ILE B 234 0.94 -21.21 -21.57
CA ILE B 234 2.00 -21.79 -20.74
C ILE B 234 2.44 -20.87 -19.59
N ASN B 235 2.35 -19.55 -19.82
CA ASN B 235 2.64 -18.57 -18.78
C ASN B 235 1.83 -18.82 -17.51
N ASP B 236 0.51 -18.94 -17.68
CA ASP B 236 -0.40 -19.22 -16.57
C ASP B 236 -0.16 -20.61 -15.98
N ALA B 237 0.08 -21.58 -16.85
CA ALA B 237 0.41 -22.94 -16.45
C ALA B 237 1.59 -22.97 -15.48
N ILE B 238 2.59 -22.13 -15.76
CA ILE B 238 3.75 -21.97 -14.88
C ILE B 238 3.35 -21.43 -13.50
N LEU B 239 2.53 -20.37 -13.48
CA LEU B 239 2.07 -19.77 -12.24
C LEU B 239 1.24 -20.74 -11.40
N HIS B 240 0.39 -21.50 -12.09
CA HIS B 240 -0.52 -22.45 -11.46
C HIS B 240 0.18 -23.63 -10.86
N ALA B 241 1.46 -23.77 -11.16
CA ALA B 241 2.29 -24.83 -10.60
C ALA B 241 3.21 -24.30 -9.50
N ILE B 242 3.16 -22.99 -9.28
CA ILE B 242 4.15 -22.32 -8.42
C ILE B 242 3.55 -21.60 -7.20
N PHE B 243 2.58 -20.73 -7.43
CA PHE B 243 2.02 -19.88 -6.37
C PHE B 243 1.13 -20.65 -5.42
N ALA B 244 1.25 -20.34 -4.13
CA ALA B 244 0.48 -21.00 -3.08
C ALA B 244 0.03 -20.01 -2.01
N ASP B 245 -0.55 -20.52 -0.92
CA ASP B 245 -1.02 -19.68 0.17
C ASP B 245 -0.10 -19.74 1.37
N GLY B 246 -0.01 -18.62 2.07
CA GLY B 246 0.82 -18.51 3.27
C GLY B 246 0.66 -17.17 3.95
N CYS B 247 1.14 -17.10 5.19
CA CYS B 247 1.11 -15.87 5.97
C CYS B 247 2.26 -15.85 6.96
N ALA B 248 2.85 -14.68 7.14
CA ALA B 248 3.93 -14.48 8.10
C ALA B 248 3.84 -13.11 8.76
N ALA B 249 3.99 -13.09 10.09
CA ALA B 249 3.93 -11.85 10.86
C ALA B 249 5.21 -11.66 11.66
N ALA B 250 5.64 -10.40 11.79
CA ALA B 250 6.82 -10.04 12.56
C ALA B 250 6.59 -8.77 13.38
N VAL B 251 7.00 -8.82 14.65
CA VAL B 251 6.92 -7.66 15.53
C VAL B 251 8.31 -7.03 15.60
N LEU B 252 8.35 -5.69 15.53
CA LEU B 252 9.62 -4.96 15.55
C LEU B 252 9.69 -3.97 16.71
N LYS B 253 10.90 -3.82 17.25
CA LYS B 253 11.15 -2.94 18.38
C LYS B 253 12.42 -2.09 18.20
N GLY B 254 12.45 -0.95 18.88
CA GLY B 254 13.63 -0.08 18.90
C GLY B 254 14.52 -0.43 20.08
N ALA B 255 15.71 -0.94 19.80
CA ALA B 255 16.57 -1.48 20.85
C ALA B 255 18.01 -0.99 20.78
N ARG B 256 18.55 -0.61 21.95
CA ARG B 256 19.97 -0.33 22.09
C ARG B 256 20.71 -1.62 22.44
N LYS B 257 22.04 -1.60 22.25
CA LYS B 257 22.88 -2.76 22.55
C LYS B 257 23.17 -2.91 24.05
N SER B 258 22.10 -3.18 24.80
CA SER B 258 22.15 -3.46 26.25
C SER B 258 20.75 -3.83 26.74
N GLU B 259 19.80 -3.88 25.80
CA GLU B 259 18.40 -4.19 26.08
C GLU B 259 18.02 -5.60 25.67
N CYS B 260 18.89 -6.25 24.89
CA CYS B 260 18.62 -7.56 24.31
C CYS B 260 19.64 -8.63 24.73
N PRO B 261 19.26 -9.92 24.62
CA PRO B 261 20.18 -11.05 24.84
C PRO B 261 21.42 -11.04 23.92
N LYS B 262 22.45 -11.78 24.31
CA LYS B 262 23.80 -11.65 23.75
C LYS B 262 23.91 -11.69 22.21
N GLY B 263 23.42 -12.75 21.60
CA GLY B 263 23.59 -12.93 20.15
C GLY B 263 22.49 -12.32 19.28
N THR B 264 21.85 -11.27 19.77
CA THR B 264 20.71 -10.66 19.08
C THR B 264 21.09 -10.04 17.72
N LEU B 265 20.22 -10.24 16.73
CA LEU B 265 20.41 -9.72 15.39
C LEU B 265 19.46 -8.56 15.12
N ALA B 266 20.02 -7.44 14.68
CA ALA B 266 19.23 -6.27 14.30
C ALA B 266 19.37 -6.02 12.81
N ILE B 267 18.27 -5.59 12.18
CA ILE B 267 18.32 -5.15 10.79
C ILE B 267 19.04 -3.79 10.75
N VAL B 268 20.33 -3.84 10.46
CA VAL B 268 21.20 -2.67 10.55
C VAL B 268 21.04 -1.76 9.33
N ASP B 269 20.73 -2.35 8.18
CA ASP B 269 20.64 -1.60 6.93
C ASP B 269 19.64 -2.23 5.95
N ASN B 270 19.23 -1.44 4.96
CA ASN B 270 18.35 -1.89 3.89
C ASN B 270 18.83 -1.34 2.54
N HIS B 271 18.43 -1.99 1.45
CA HIS B 271 18.90 -1.60 0.12
C HIS B 271 17.95 -1.96 -0.98
N ALA B 272 17.95 -1.13 -2.02
CA ALA B 272 17.14 -1.37 -3.21
C ALA B 272 17.92 -0.99 -4.47
N TRP B 273 17.59 -1.63 -5.58
CA TRP B 273 18.11 -1.23 -6.88
C TRP B 273 17.15 -1.55 -8.00
N LEU B 274 16.65 -0.51 -8.65
CA LEU B 274 15.80 -0.66 -9.82
C LEU B 274 16.68 -1.03 -11.01
N MET B 275 16.64 -2.30 -11.41
CA MET B 275 17.48 -2.82 -12.48
C MET B 275 17.07 -2.25 -13.83
N GLU B 276 18.03 -1.68 -14.55
CA GLU B 276 17.78 -1.05 -15.85
C GLU B 276 17.51 -2.08 -16.96
N GLY B 277 16.50 -1.80 -17.78
CA GLY B 277 16.16 -2.64 -18.92
C GLY B 277 15.46 -3.94 -18.57
N THR B 278 14.80 -3.95 -17.41
CA THR B 278 14.13 -5.16 -16.90
C THR B 278 12.62 -4.99 -16.79
N GLU B 279 12.09 -3.94 -17.43
CA GLU B 279 10.69 -3.53 -17.29
C GLU B 279 9.65 -4.65 -17.46
N ASP B 280 9.95 -5.62 -18.31
CA ASP B 280 9.01 -6.71 -18.63
C ASP B 280 9.12 -7.91 -17.69
N GLY B 281 10.08 -7.86 -16.76
CA GLY B 281 10.34 -8.96 -15.83
C GLY B 281 9.12 -9.50 -15.11
N ILE B 282 8.58 -8.72 -14.19
CA ILE B 282 7.36 -9.08 -13.48
C ILE B 282 6.24 -8.10 -13.82
N THR B 283 5.21 -8.60 -14.50
CA THR B 283 4.04 -7.80 -14.84
C THR B 283 2.83 -8.27 -14.06
N LEU B 284 2.13 -7.32 -13.46
CA LEU B 284 0.91 -7.63 -12.72
C LEU B 284 -0.28 -6.99 -13.41
N ALA B 285 -1.47 -7.51 -13.11
CA ALA B 285 -2.73 -6.96 -13.62
C ALA B 285 -3.89 -7.48 -12.79
N ILE B 286 -4.93 -6.66 -12.66
CA ILE B 286 -6.19 -7.10 -12.09
C ILE B 286 -7.19 -7.23 -13.24
N LYS B 287 -7.70 -8.45 -13.41
CA LYS B 287 -8.64 -8.74 -14.48
C LYS B 287 -9.96 -9.27 -13.91
N PRO B 288 -11.05 -9.22 -14.69
CA PRO B 288 -12.36 -9.69 -14.22
C PRO B 288 -12.36 -11.09 -13.60
N ASN B 289 -11.51 -11.98 -14.09
CA ASN B 289 -11.45 -13.36 -13.61
C ASN B 289 -10.35 -13.60 -12.57
N GLY B 290 -9.80 -12.52 -12.01
CA GLY B 290 -8.83 -12.62 -10.92
C GLY B 290 -7.58 -11.79 -11.10
N ILE B 291 -6.85 -11.61 -10.00
CA ILE B 291 -5.56 -10.93 -10.01
C ILE B 291 -4.53 -11.88 -10.64
N THR B 292 -3.91 -11.44 -11.72
CA THR B 292 -3.04 -12.33 -12.50
C THR B 292 -1.63 -11.79 -12.69
N CYS B 293 -0.76 -12.62 -13.26
CA CYS B 293 0.67 -12.36 -13.34
C CYS B 293 1.26 -12.85 -14.66
N THR B 294 2.27 -12.15 -15.17
CA THR B 294 3.07 -12.63 -16.31
C THR B 294 4.56 -12.50 -16.01
N LEU B 295 5.25 -13.64 -15.86
CA LEU B 295 6.68 -13.66 -15.59
C LEU B 295 7.46 -13.88 -16.87
N SER B 296 8.34 -12.94 -17.18
CA SER B 296 9.14 -12.99 -18.41
C SER B 296 10.03 -14.22 -18.45
N LYS B 297 10.29 -14.70 -19.66
CA LYS B 297 11.23 -15.80 -19.89
C LYS B 297 12.64 -15.39 -19.46
N PHE B 298 12.98 -14.13 -19.71
CA PHE B 298 14.30 -13.60 -19.43
C PHE B 298 14.46 -13.00 -18.01
N LEU B 299 13.43 -13.18 -17.19
CA LEU B 299 13.46 -12.71 -15.80
C LEU B 299 14.58 -13.34 -14.96
N PRO B 300 14.76 -14.68 -15.05
CA PRO B 300 15.89 -15.28 -14.32
C PRO B 300 17.25 -14.77 -14.82
N GLN B 301 17.34 -14.45 -16.10
CA GLN B 301 18.55 -13.87 -16.68
C GLN B 301 18.83 -12.46 -16.14
N TYR B 302 17.77 -11.66 -15.99
CA TYR B 302 17.87 -10.33 -15.38
C TYR B 302 18.48 -10.40 -13.97
N ILE B 303 18.03 -11.38 -13.19
CA ILE B 303 18.54 -11.60 -11.83
C ILE B 303 20.02 -11.95 -11.85
N ALA B 304 20.39 -12.90 -12.70
CA ALA B 304 21.77 -13.37 -12.80
C ALA B 304 22.75 -12.25 -13.15
N LYS B 305 22.34 -11.37 -14.05
CA LYS B 305 23.19 -10.29 -14.54
C LYS B 305 23.27 -9.09 -13.59
N ASN B 306 22.28 -8.94 -12.71
CA ASN B 306 22.19 -7.73 -11.88
C ASN B 306 22.39 -7.96 -10.37
N ILE B 307 22.17 -9.19 -9.92
CA ILE B 307 22.16 -9.49 -8.48
C ILE B 307 23.50 -9.21 -7.78
N ALA B 308 24.59 -9.47 -8.49
CA ALA B 308 25.93 -9.21 -7.97
C ALA B 308 26.10 -7.73 -7.66
N PHE B 309 25.70 -6.87 -8.58
CA PHE B 309 25.77 -5.43 -8.39
C PHE B 309 24.98 -4.96 -7.16
N PHE B 310 23.85 -5.60 -6.91
CA PHE B 310 23.02 -5.29 -5.74
C PHE B 310 23.71 -5.64 -4.43
N ALA B 311 24.15 -6.89 -4.32
CA ALA B 311 24.75 -7.40 -3.08
C ALA B 311 26.10 -6.76 -2.78
N ASP B 312 26.97 -6.65 -3.79
CA ASP B 312 28.28 -6.04 -3.64
C ASP B 312 28.18 -4.55 -3.33
N GLY B 313 27.21 -3.87 -3.93
CA GLY B 313 26.92 -2.47 -3.64
C GLY B 313 26.42 -2.28 -2.22
N PHE B 314 25.53 -3.17 -1.79
CA PHE B 314 24.98 -3.19 -0.44
C PHE B 314 26.06 -3.42 0.62
N LEU B 315 26.97 -4.34 0.33
CA LEU B 315 28.03 -4.72 1.27
C LEU B 315 29.16 -3.71 1.33
N LYS B 316 29.39 -2.99 0.24
CA LYS B 316 30.45 -1.97 0.18
C LYS B 316 30.23 -0.86 1.21
N LYS B 317 28.97 -0.54 1.46
CA LYS B 317 28.57 0.41 2.50
C LYS B 317 29.14 0.05 3.86
N HIS B 318 29.34 -1.25 4.09
CA HIS B 318 29.79 -1.76 5.40
C HIS B 318 31.17 -2.37 5.40
N LYS B 319 31.96 -2.12 4.35
CA LYS B 319 33.31 -2.69 4.24
C LYS B 319 33.29 -4.23 4.27
N LEU B 320 32.24 -4.83 3.69
CA LEU B 320 32.11 -6.28 3.70
C LEU B 320 32.18 -6.86 2.31
N GLY B 321 32.33 -8.18 2.24
CA GLY B 321 32.29 -8.92 0.99
C GLY B 321 31.29 -10.06 1.09
N ARG B 322 31.07 -10.75 -0.03
CA ARG B 322 30.18 -11.92 -0.06
C ARG B 322 30.54 -12.91 1.05
N ASP B 323 31.84 -13.10 1.26
CA ASP B 323 32.36 -14.07 2.22
C ASP B 323 32.11 -13.70 3.69
N ASP B 324 31.87 -12.42 3.95
CA ASP B 324 31.58 -11.96 5.31
C ASP B 324 30.16 -12.36 5.74
N VAL B 325 29.33 -12.71 4.77
CA VAL B 325 27.92 -13.06 5.02
C VAL B 325 27.79 -14.54 5.38
N ASP B 326 27.16 -14.81 6.53
CA ASP B 326 27.02 -16.17 7.06
C ASP B 326 25.78 -16.90 6.55
N PHE B 327 24.75 -16.14 6.16
CA PHE B 327 23.53 -16.75 5.62
C PHE B 327 22.83 -15.86 4.61
N TRP B 328 22.16 -16.51 3.67
CA TRP B 328 21.44 -15.84 2.61
C TRP B 328 20.00 -16.26 2.60
N CYS B 329 19.10 -15.30 2.75
CA CYS B 329 17.67 -15.56 2.61
C CYS B 329 17.17 -15.10 1.25
N VAL B 330 17.43 -15.91 0.24
CA VAL B 330 16.94 -15.65 -1.10
C VAL B 330 15.46 -16.02 -1.15
N HIS B 331 14.70 -15.18 -1.85
CA HIS B 331 13.28 -15.42 -2.08
C HIS B 331 13.11 -16.69 -2.86
N PRO B 332 12.29 -17.62 -2.33
CA PRO B 332 12.04 -18.89 -3.02
C PRO B 332 10.93 -18.75 -4.06
N GLY B 333 11.14 -17.88 -5.03
CA GLY B 333 10.14 -17.61 -6.07
C GLY B 333 10.05 -18.68 -7.14
N GLY B 334 10.80 -19.76 -6.94
CA GLY B 334 10.87 -20.84 -7.91
C GLY B 334 12.30 -21.26 -8.16
N ARG B 335 12.46 -22.35 -8.89
CA ARG B 335 13.76 -22.93 -9.23
C ARG B 335 14.75 -21.89 -9.73
N ARG B 336 14.46 -21.36 -10.91
CA ARG B 336 15.37 -20.48 -11.65
C ARG B 336 15.78 -19.26 -10.82
N ILE B 337 14.81 -18.69 -10.10
CA ILE B 337 15.10 -17.57 -9.20
C ILE B 337 16.28 -17.90 -8.27
N ILE B 338 16.16 -18.99 -7.52
CA ILE B 338 17.21 -19.41 -6.57
C ILE B 338 18.52 -19.77 -7.31
N GLU B 339 18.39 -20.57 -8.37
CA GLU B 339 19.54 -21.02 -9.16
C GLU B 339 20.33 -19.87 -9.78
N GLU B 340 19.62 -18.85 -10.27
CA GLU B 340 20.26 -17.71 -10.91
C GLU B 340 20.83 -16.72 -9.90
N ALA B 341 20.25 -16.73 -8.70
CA ALA B 341 20.83 -16.01 -7.57
C ALA B 341 22.12 -16.72 -7.14
N GLN B 342 22.06 -18.05 -7.10
CA GLN B 342 23.23 -18.89 -6.81
C GLN B 342 24.34 -18.65 -7.81
N ASN B 343 24.00 -18.69 -9.10
CA ASN B 343 24.95 -18.45 -10.17
C ASN B 343 25.52 -17.03 -10.13
N GLY B 344 24.65 -16.06 -9.87
CA GLY B 344 25.04 -14.66 -9.81
C GLY B 344 25.95 -14.32 -8.64
N LEU B 345 25.65 -14.89 -7.47
CA LEU B 345 26.42 -14.60 -6.27
C LEU B 345 27.48 -15.67 -5.98
N GLY B 346 27.45 -16.75 -6.75
CA GLY B 346 28.41 -17.84 -6.60
C GLY B 346 28.22 -18.62 -5.30
N LEU B 347 26.96 -18.84 -4.93
CA LEU B 347 26.62 -19.49 -3.67
C LEU B 347 26.28 -20.96 -3.83
N SER B 348 26.67 -21.76 -2.84
CA SER B 348 26.41 -23.20 -2.83
C SER B 348 24.94 -23.52 -2.57
N GLU B 349 24.56 -24.77 -2.86
CA GLU B 349 23.23 -25.28 -2.54
C GLU B 349 23.00 -25.31 -1.03
N GLU B 350 24.11 -25.28 -0.28
CA GLU B 350 24.07 -25.30 1.18
C GLU B 350 23.83 -23.90 1.74
N GLN B 351 24.32 -22.88 1.02
CA GLN B 351 24.10 -21.49 1.38
C GLN B 351 22.64 -21.06 1.18
N THR B 352 21.94 -21.79 0.31
CA THR B 352 20.55 -21.48 -0.02
C THR B 352 19.58 -22.59 0.39
N ALA B 353 20.09 -23.54 1.19
CA ALA B 353 19.31 -24.70 1.64
C ALA B 353 17.96 -24.32 2.26
N ASP B 354 17.94 -23.23 3.02
CA ASP B 354 16.72 -22.72 3.65
C ASP B 354 15.70 -22.22 2.65
N SER B 355 16.17 -21.59 1.57
CA SER B 355 15.31 -21.15 0.48
C SER B 355 14.73 -22.34 -0.27
N TRP B 356 15.60 -23.32 -0.56
CA TRP B 356 15.20 -24.58 -1.20
C TRP B 356 14.23 -25.37 -0.36
N ALA B 357 14.40 -25.30 0.95
CA ALA B 357 13.50 -25.97 1.89
C ALA B 357 12.08 -25.38 1.87
N VAL B 358 12.00 -24.05 1.87
CA VAL B 358 10.71 -23.35 1.83
C VAL B 358 10.02 -23.54 0.47
N LEU B 359 10.81 -23.61 -0.59
CA LEU B 359 10.29 -23.86 -1.93
C LEU B 359 9.69 -25.27 -2.05
N GLY B 360 10.36 -26.25 -1.44
CA GLY B 360 9.91 -27.64 -1.51
C GLY B 360 8.63 -27.91 -0.73
N GLU B 361 8.53 -27.35 0.47
CA GLU B 361 7.41 -27.61 1.36
C GLU B 361 6.22 -26.70 1.08
N TYR B 362 6.50 -25.47 0.67
CA TYR B 362 5.47 -24.45 0.55
C TYR B 362 5.31 -23.88 -0.86
N GLY B 363 6.39 -23.82 -1.62
CA GLY B 363 6.38 -23.16 -2.92
C GLY B 363 6.37 -21.64 -2.77
N ASN B 364 5.99 -20.94 -3.83
CA ASN B 364 5.94 -19.48 -3.80
C ASN B 364 4.66 -18.94 -3.16
N MET B 365 4.79 -18.47 -1.92
CA MET B 365 3.67 -17.87 -1.19
C MET B 365 3.62 -16.38 -1.46
N LEU B 366 4.36 -15.94 -2.48
CA LEU B 366 4.51 -14.53 -2.80
C LEU B 366 5.29 -13.81 -1.70
N SER B 367 4.76 -12.70 -1.18
CA SER B 367 5.55 -11.81 -0.32
C SER B 367 6.01 -12.36 1.05
N PRO B 368 5.22 -13.24 1.70
CA PRO B 368 5.76 -13.74 2.97
C PRO B 368 6.79 -14.88 2.84
N SER B 369 7.18 -15.21 1.61
CA SER B 369 8.08 -16.35 1.37
C SER B 369 9.48 -16.19 1.96
N VAL B 370 10.00 -14.96 1.99
CA VAL B 370 11.30 -14.70 2.59
C VAL B 370 11.25 -14.78 4.11
N MET B 371 10.15 -14.31 4.69
CA MET B 371 9.92 -14.38 6.15
C MET B 371 10.08 -15.81 6.64
N PHE B 372 9.52 -16.76 5.87
CA PHE B 372 9.65 -18.19 6.14
C PHE B 372 11.12 -18.61 6.17
N VAL B 373 11.88 -18.16 5.17
CA VAL B 373 13.30 -18.47 5.08
C VAL B 373 14.04 -17.90 6.30
N LEU B 374 13.70 -16.67 6.68
CA LEU B 374 14.24 -16.03 7.88
C LEU B 374 13.91 -16.80 9.16
N SER B 375 12.78 -17.50 9.16
CA SER B 375 12.32 -18.23 10.32
C SER B 375 13.19 -19.45 10.63
N ARG B 376 13.55 -20.20 9.58
CA ARG B 376 14.41 -21.38 9.74
C ARG B 376 15.79 -20.93 10.18
N VAL B 377 16.24 -19.81 9.58
CA VAL B 377 17.51 -19.18 9.93
C VAL B 377 17.50 -18.74 11.40
N PHE B 378 16.43 -18.07 11.81
CA PHE B 378 16.27 -17.63 13.20
C PHE B 378 16.09 -18.79 14.18
N LYS B 379 15.71 -19.96 13.67
CA LYS B 379 15.64 -21.18 14.48
C LYS B 379 17.01 -21.80 14.69
N ARG B 380 17.82 -21.83 13.63
CA ARG B 380 19.17 -22.38 13.69
C ARG B 380 20.10 -21.45 14.47
N HIS B 381 20.00 -20.15 14.20
CA HIS B 381 20.50 -19.13 15.12
C HIS B 381 19.59 -19.21 16.30
N ASN B 382 20.14 -19.15 17.51
CA ASN B 382 19.37 -19.40 18.74
C ASN B 382 19.62 -20.81 19.26
N ALA B 383 19.47 -21.80 18.36
CA ALA B 383 19.83 -23.18 18.67
C ALA B 383 21.32 -23.26 18.95
N ALA B 384 22.09 -22.51 18.17
CA ALA B 384 23.53 -22.37 18.38
C ALA B 384 23.81 -21.53 19.62
N LEU B 385 22.99 -20.51 19.85
CA LEU B 385 23.12 -19.61 21.00
C LEU B 385 22.78 -20.30 22.31
N ALA B 386 21.87 -21.28 22.25
CA ALA B 386 21.52 -22.12 23.38
C ALA B 386 22.77 -22.89 23.84
N GLN B 387 23.48 -23.44 22.86
CA GLN B 387 24.80 -24.04 23.06
C GLN B 387 25.84 -22.92 23.10
N GLY B 388 27.12 -23.29 23.22
CA GLY B 388 28.19 -22.31 23.33
C GLY B 388 28.32 -21.33 22.17
N LYS B 389 27.97 -21.81 20.98
CA LYS B 389 28.22 -21.12 19.70
C LYS B 389 27.73 -19.67 19.62
N PRO B 390 28.49 -18.80 18.91
CA PRO B 390 28.15 -17.38 18.73
C PRO B 390 26.99 -17.14 17.77
N GLY B 391 26.66 -18.15 16.96
CA GLY B 391 25.64 -18.00 15.92
C GLY B 391 26.16 -17.19 14.74
N TYR B 392 25.25 -16.68 13.93
CA TYR B 392 25.61 -15.87 12.77
C TYR B 392 26.00 -14.46 13.18
N GLN B 393 26.96 -13.89 12.44
CA GLN B 393 27.41 -12.52 12.68
C GLN B 393 26.85 -11.54 11.65
N THR B 394 26.70 -12.01 10.41
CA THR B 394 26.22 -11.18 9.31
C THR B 394 25.32 -11.98 8.39
N GLY B 395 24.19 -11.40 8.00
CA GLY B 395 23.24 -12.05 7.11
C GLY B 395 22.48 -11.09 6.22
N MET B 396 22.09 -11.58 5.03
CA MET B 396 21.34 -10.76 4.08
C MET B 396 20.12 -11.50 3.54
N ALA B 397 18.99 -10.80 3.49
CA ALA B 397 17.75 -11.31 2.95
C ALA B 397 17.27 -10.41 1.82
N PHE B 398 16.98 -11.00 0.66
CA PHE B 398 16.52 -10.22 -0.48
C PHE B 398 15.49 -10.94 -1.34
N SER B 399 14.69 -10.16 -2.06
CA SER B 399 13.78 -10.69 -3.06
C SER B 399 13.61 -9.66 -4.18
N PHE B 400 12.63 -9.89 -5.05
CA PHE B 400 12.48 -9.07 -6.25
C PHE B 400 11.08 -8.49 -6.41
N SER B 401 11.06 -7.21 -6.77
CA SER B 401 9.82 -6.45 -6.95
C SER B 401 9.58 -6.19 -8.43
N PRO B 402 8.32 -5.88 -8.80
CA PRO B 402 8.07 -5.43 -10.16
C PRO B 402 8.90 -4.18 -10.45
N GLY B 403 9.61 -4.19 -11.57
CA GLY B 403 10.53 -3.11 -11.92
C GLY B 403 11.42 -3.37 -13.11
N VAL B 404 12.31 -4.35 -13.02
CA VAL B 404 12.49 -5.20 -11.84
C VAL B 404 13.40 -4.54 -10.81
N GLY B 405 12.95 -4.56 -9.56
CA GLY B 405 13.75 -4.06 -8.45
C GLY B 405 14.24 -5.18 -7.55
N ALA B 406 15.38 -4.93 -6.90
CA ALA B 406 15.92 -5.83 -5.91
C ALA B 406 15.79 -5.17 -4.54
N GLU B 407 14.90 -5.69 -3.72
CA GLU B 407 14.73 -5.22 -2.34
C GLU B 407 15.43 -6.16 -1.39
N GLY B 408 16.12 -5.59 -0.41
CA GLY B 408 16.90 -6.39 0.54
C GLY B 408 17.23 -5.71 1.85
N ILE B 409 17.50 -6.51 2.87
CA ILE B 409 17.87 -6.02 4.19
C ILE B 409 19.09 -6.76 4.73
N LEU B 410 19.85 -6.08 5.59
CA LEU B 410 21.03 -6.68 6.21
C LEU B 410 20.87 -6.69 7.72
N LEU B 411 21.01 -7.86 8.32
CA LEU B 411 21.06 -7.94 9.77
C LEU B 411 22.41 -8.43 10.26
N ARG B 412 22.97 -7.69 11.22
CA ARG B 412 24.21 -8.07 11.90
C ARG B 412 23.92 -8.20 13.38
N GLN B 413 24.86 -8.78 14.11
CA GLN B 413 24.76 -8.89 15.55
C GLN B 413 25.09 -7.56 16.22
N ILE B 414 24.21 -7.12 17.12
CA ILE B 414 24.40 -5.88 17.86
C ILE B 414 25.40 -6.05 19.02
#